data_5J8D
#
_entry.id   5J8D
#
_cell.length_a   49.380
_cell.length_b   113.140
_cell.length_c   80.700
_cell.angle_alpha   90.000
_cell.angle_beta   92.590
_cell.angle_gamma   90.000
#
_symmetry.space_group_name_H-M   'P 1 21 1'
#
loop_
_entity.id
_entity.type
_entity.pdbx_description
1 polymer 'Oxygen-insensitive NAD(P)H nitroreductase'
2 non-polymer 'FLAVIN MONONUCLEOTIDE'
3 non-polymer 'NICOTINIC ACID ADENINE DINUCLEOTIDE'
4 water water
#
_entity_poly.entity_id   1
_entity_poly.type   'polypeptide(L)'
_entity_poly.pdbx_seq_one_letter_code
;DIISVALKRHSTKAFDASKKLTAEEAEKIKTLLQYSPSSTNSQPWHFIVASTEEGKARVAKSAAGTYVFNERKMLDASHV
VVFCAKTAMDDAWLERVVDQEEADGRFNTPEAKAANHKGRTYFADMHRVDLKDDDQWMAKQVYLNVGNFLLGVGAMGLDA
VPIEGFDAAILDEEFGLKEKGFTSLVVVPVGHHSVEDFNATLPKSRLPLSTIVTEC
;
_entity_poly.pdbx_strand_id   A,B,C,D
#
loop_
_chem_comp.id
_chem_comp.type
_chem_comp.name
_chem_comp.formula
DND non-polymer 'NICOTINIC ACID ADENINE DINUCLEOTIDE' 'C21 H27 N6 O15 P2 1'
FMN non-polymer 'FLAVIN MONONUCLEOTIDE' 'C17 H21 N4 O9 P'
#
# COMPACT_ATOMS: atom_id res chain seq x y z
N ASP A 1 28.16 12.00 36.72
CA ASP A 1 28.99 12.69 35.74
C ASP A 1 29.63 11.68 34.78
N ILE A 2 28.85 11.19 33.83
CA ILE A 2 29.37 10.17 32.93
C ILE A 2 30.43 10.73 32.00
N ILE A 3 30.43 12.05 31.75
CA ILE A 3 31.49 12.63 30.93
C ILE A 3 32.82 12.60 31.68
N SER A 4 32.79 12.82 32.99
CA SER A 4 34.00 12.68 33.79
C SER A 4 34.54 11.26 33.72
N VAL A 5 33.64 10.27 33.75
CA VAL A 5 34.06 8.88 33.58
C VAL A 5 34.76 8.69 32.24
N ALA A 6 34.17 9.23 31.17
CA ALA A 6 34.75 9.04 29.85
C ALA A 6 36.13 9.65 29.74
N LEU A 7 36.37 10.77 30.43
CA LEU A 7 37.67 11.42 30.36
C LEU A 7 38.68 10.84 31.33
N LYS A 8 38.26 9.98 32.27
CA LYS A 8 39.15 9.41 33.26
C LYS A 8 39.50 7.95 33.00
N ARG A 9 38.58 7.20 32.39
CA ARG A 9 38.85 5.81 32.07
C ARG A 9 39.95 5.70 31.02
N HIS A 10 40.62 4.55 31.01
CA HIS A 10 41.73 4.32 30.10
C HIS A 10 41.92 2.83 29.91
N SER A 11 42.71 2.47 28.89
CA SER A 11 43.08 1.08 28.65
C SER A 11 44.21 0.70 29.60
N THR A 12 43.90 -0.18 30.55
CA THR A 12 44.90 -0.59 31.54
C THR A 12 45.90 -1.55 30.92
N LYS A 13 47.19 -1.30 31.14
CA LYS A 13 48.22 -2.10 30.51
C LYS A 13 48.79 -3.19 31.43
N ALA A 14 48.46 -3.15 32.73
CA ALA A 14 48.90 -4.17 33.66
C ALA A 14 47.93 -4.21 34.83
N PHE A 15 47.56 -5.41 35.25
CA PHE A 15 46.57 -5.63 36.28
C PHE A 15 47.19 -6.24 37.51
N ASP A 16 46.61 -5.93 38.67
CA ASP A 16 47.04 -6.47 39.96
C ASP A 16 46.39 -7.85 40.14
N ALA A 17 47.21 -8.90 40.11
CA ALA A 17 46.69 -10.26 40.19
C ALA A 17 46.18 -10.62 41.58
N SER A 18 46.33 -9.75 42.58
CA SER A 18 45.83 -10.02 43.91
C SER A 18 44.52 -9.31 44.20
N LYS A 19 44.02 -8.50 43.28
CA LYS A 19 42.79 -7.75 43.46
C LYS A 19 41.69 -8.38 42.62
N LYS A 20 40.64 -8.83 43.28
CA LYS A 20 39.54 -9.51 42.62
C LYS A 20 38.29 -8.66 42.67
N LEU A 21 37.39 -8.86 41.71
CA LEU A 21 36.09 -8.23 41.81
C LEU A 21 35.33 -8.79 43.00
N THR A 22 34.50 -7.96 43.60
CA THR A 22 33.58 -8.47 44.62
C THR A 22 32.54 -9.36 43.97
N ALA A 23 31.82 -10.12 44.82
CA ALA A 23 30.73 -10.94 44.32
C ALA A 23 29.67 -10.09 43.62
N GLU A 24 29.41 -8.89 44.15
CA GLU A 24 28.41 -8.01 43.55
C GLU A 24 28.90 -7.42 42.24
N GLU A 25 30.18 -7.07 42.16
CA GLU A 25 30.73 -6.56 40.91
C GLU A 25 30.68 -7.62 39.81
N ALA A 26 30.94 -8.88 40.17
CA ALA A 26 30.91 -9.95 39.18
C ALA A 26 29.50 -10.14 38.61
N GLU A 27 28.48 -10.02 39.46
CA GLU A 27 27.10 -10.07 38.98
C GLU A 27 26.79 -8.89 38.06
N LYS A 28 27.28 -7.70 38.42
CA LYS A 28 26.93 -6.51 37.67
C LYS A 28 27.57 -6.51 36.29
N ILE A 29 28.78 -7.04 36.16
CA ILE A 29 29.38 -6.99 34.83
C ILE A 29 28.66 -7.94 33.88
N LYS A 30 28.07 -9.02 34.41
CA LYS A 30 27.28 -9.89 33.54
C LYS A 30 25.95 -9.23 33.15
N THR A 31 25.35 -8.48 34.07
CA THR A 31 24.19 -7.66 33.69
C THR A 31 24.52 -6.73 32.54
N LEU A 32 25.69 -6.08 32.59
CA LEU A 32 26.10 -5.19 31.51
C LEU A 32 26.14 -5.92 30.17
N LEU A 33 26.80 -7.07 30.13
CA LEU A 33 26.85 -7.86 28.90
C LEU A 33 25.45 -8.22 28.43
N GLN A 34 24.59 -8.64 29.35
CA GLN A 34 23.26 -9.13 28.99
C GLN A 34 22.37 -8.03 28.44
N TYR A 35 22.41 -6.83 29.01
CA TYR A 35 21.41 -5.82 28.72
C TYR A 35 21.87 -4.79 27.68
N SER A 36 22.99 -5.03 27.03
CA SER A 36 23.37 -4.23 25.88
C SER A 36 22.27 -4.27 24.82
N PRO A 37 21.99 -3.15 24.14
CA PRO A 37 21.07 -3.19 23.00
C PRO A 37 21.75 -3.83 21.80
N SER A 38 20.92 -4.12 20.79
CA SER A 38 21.39 -4.68 19.54
C SER A 38 20.27 -4.52 18.53
N SER A 39 20.64 -4.51 17.25
CA SER A 39 19.68 -4.38 16.17
C SER A 39 18.63 -5.48 16.23
N THR A 40 17.36 -5.07 16.24
CA THR A 40 16.20 -5.96 16.36
C THR A 40 16.24 -6.80 17.64
N ASN A 41 17.01 -6.34 18.64
CA ASN A 41 17.24 -7.11 19.86
C ASN A 41 17.78 -8.50 19.54
N SER A 42 18.58 -8.60 18.48
CA SER A 42 19.02 -9.91 17.99
C SER A 42 19.94 -10.61 18.97
N GLN A 43 20.68 -9.86 19.81
CA GLN A 43 21.56 -10.45 20.82
C GLN A 43 22.40 -11.59 20.25
N PRO A 44 23.13 -11.38 19.13
CA PRO A 44 23.77 -12.50 18.41
C PRO A 44 25.11 -12.90 19.00
N TRP A 45 25.11 -13.22 20.29
CA TRP A 45 26.39 -13.18 21.00
C TRP A 45 26.44 -14.23 22.10
N HIS A 46 27.67 -14.49 22.56
CA HIS A 46 27.95 -15.34 23.70
C HIS A 46 29.20 -14.79 24.39
N PHE A 47 29.30 -15.00 25.69
CA PHE A 47 30.41 -14.44 26.47
C PHE A 47 31.02 -15.52 27.34
N ILE A 48 32.33 -15.69 27.22
CA ILE A 48 33.09 -16.50 28.17
C ILE A 48 33.63 -15.57 29.25
N VAL A 49 33.26 -15.83 30.49
CA VAL A 49 33.71 -15.04 31.63
C VAL A 49 34.68 -15.93 32.42
N ALA A 50 35.98 -15.67 32.26
CA ALA A 50 37.02 -16.46 32.92
C ALA A 50 37.46 -15.75 34.19
N SER A 51 37.30 -16.42 35.34
CA SER A 51 37.76 -15.89 36.61
C SER A 51 38.65 -16.84 37.39
N THR A 52 38.62 -18.14 37.11
CA THR A 52 39.58 -19.03 37.73
C THR A 52 40.94 -18.88 37.04
N GLU A 53 41.99 -19.29 37.75
CA GLU A 53 43.32 -19.18 37.16
C GLU A 53 43.47 -20.08 35.93
N GLU A 54 42.91 -21.28 35.99
CA GLU A 54 42.98 -22.17 34.83
C GLU A 54 42.17 -21.63 33.66
N GLY A 55 40.96 -21.13 33.94
CA GLY A 55 40.16 -20.52 32.88
C GLY A 55 40.87 -19.36 32.20
N LYS A 56 41.48 -18.49 32.99
CA LYS A 56 42.20 -17.37 32.38
C LYS A 56 43.42 -17.84 31.62
N ALA A 57 44.09 -18.90 32.10
CA ALA A 57 45.23 -19.44 31.37
C ALA A 57 44.81 -20.01 30.02
N ARG A 58 43.60 -20.57 29.93
CA ARG A 58 43.09 -21.05 28.66
C ARG A 58 42.89 -19.88 27.68
N VAL A 59 42.29 -18.79 28.16
CA VAL A 59 42.13 -17.60 27.31
C VAL A 59 43.49 -17.08 26.87
N ALA A 60 44.45 -17.02 27.82
CA ALA A 60 45.77 -16.43 27.55
C ALA A 60 46.57 -17.21 26.53
N LYS A 61 46.23 -18.47 26.26
CA LYS A 61 46.93 -19.22 25.22
C LYS A 61 46.79 -18.54 23.86
N SER A 62 45.71 -17.80 23.65
CA SER A 62 45.52 -17.12 22.37
C SER A 62 46.44 -15.92 22.21
N ALA A 63 47.06 -15.44 23.28
CA ALA A 63 47.95 -14.27 23.23
C ALA A 63 49.42 -14.67 23.23
N ALA A 64 49.75 -15.78 22.59
CA ALA A 64 51.14 -16.22 22.49
C ALA A 64 51.78 -15.67 21.22
N GLY A 65 53.12 -15.74 21.19
CA GLY A 65 53.89 -15.27 20.04
C GLY A 65 53.76 -13.78 19.79
N THR A 66 53.21 -13.42 18.63
CA THR A 66 53.13 -12.01 18.23
C THR A 66 52.32 -11.17 19.21
N TYR A 67 51.43 -11.78 19.99
CA TYR A 67 50.55 -11.06 20.91
C TYR A 67 50.96 -11.20 22.36
N VAL A 68 52.23 -11.54 22.62
CA VAL A 68 52.67 -11.82 23.99
C VAL A 68 52.50 -10.61 24.91
N PHE A 69 52.49 -9.41 24.37
CA PHE A 69 52.30 -8.22 25.20
C PHE A 69 50.92 -8.18 25.85
N ASN A 70 49.93 -8.90 25.30
CA ASN A 70 48.61 -8.97 25.89
C ASN A 70 48.44 -10.15 26.84
N GLU A 71 49.44 -11.02 26.95
CA GLU A 71 49.24 -12.27 27.71
C GLU A 71 49.12 -12.01 29.21
N ARG A 72 50.00 -11.17 29.75
CA ARG A 72 49.97 -10.94 31.20
C ARG A 72 48.68 -10.28 31.62
N LYS A 73 48.15 -9.38 30.78
CA LYS A 73 46.88 -8.73 31.08
C LYS A 73 45.79 -9.76 31.32
N MET A 74 45.72 -10.79 30.45
CA MET A 74 44.72 -11.82 30.60
C MET A 74 44.98 -12.70 31.83
N LEU A 75 46.24 -12.93 32.17
CA LEU A 75 46.56 -13.73 33.35
C LEU A 75 46.33 -12.97 34.65
N ASP A 76 46.53 -11.65 34.65
CA ASP A 76 46.54 -10.88 35.89
C ASP A 76 45.19 -10.31 36.27
N ALA A 77 44.28 -10.13 35.32
CA ALA A 77 43.01 -9.50 35.67
C ALA A 77 42.19 -10.44 36.55
N SER A 78 41.16 -9.87 37.19
CA SER A 78 40.26 -10.67 38.00
C SER A 78 39.31 -11.50 37.13
N HIS A 79 38.68 -10.85 36.16
CA HIS A 79 37.69 -11.48 35.29
C HIS A 79 38.01 -11.10 33.86
N VAL A 80 38.05 -12.10 32.98
CA VAL A 80 38.42 -11.91 31.58
C VAL A 80 37.22 -12.30 30.73
N VAL A 81 36.67 -11.34 30.01
CA VAL A 81 35.47 -11.58 29.20
C VAL A 81 35.88 -11.73 27.75
N VAL A 82 35.48 -12.84 27.15
CA VAL A 82 35.66 -13.05 25.72
C VAL A 82 34.33 -12.74 25.03
N PHE A 83 34.32 -11.71 24.18
CA PHE A 83 33.14 -11.35 23.41
C PHE A 83 33.08 -12.18 22.12
N CYS A 84 31.99 -12.91 21.93
CA CYS A 84 31.83 -13.79 20.78
C CYS A 84 30.57 -13.44 20.01
N ALA A 85 30.64 -13.49 18.68
CA ALA A 85 29.48 -13.31 17.83
C ALA A 85 29.07 -14.63 17.21
N LYS A 86 27.78 -14.76 16.88
CA LYS A 86 27.33 -15.85 16.04
C LYS A 86 28.00 -15.76 14.67
N THR A 87 28.27 -16.91 14.06
CA THR A 87 28.85 -16.93 12.73
C THR A 87 27.82 -16.93 11.62
N ALA A 88 26.57 -17.27 11.93
CA ALA A 88 25.50 -17.22 10.96
C ALA A 88 24.19 -16.98 11.69
N MET A 89 23.33 -16.13 11.13
CA MET A 89 22.01 -15.90 11.71
C MET A 89 21.05 -16.95 11.16
N ASP A 90 20.35 -17.63 12.06
CA ASP A 90 19.45 -18.71 11.69
C ASP A 90 18.06 -18.44 12.24
N ASP A 91 17.08 -19.17 11.70
CA ASP A 91 15.70 -18.94 12.10
C ASP A 91 15.41 -19.44 13.50
N ALA A 92 16.18 -20.43 13.97
CA ALA A 92 16.03 -20.90 15.34
C ALA A 92 16.39 -19.79 16.33
N TRP A 93 17.43 -19.02 16.04
CA TRP A 93 17.80 -17.92 16.92
C TRP A 93 16.77 -16.80 16.87
N LEU A 94 16.24 -16.50 15.69
CA LEU A 94 15.20 -15.47 15.61
C LEU A 94 13.98 -15.86 16.43
N GLU A 95 13.65 -17.15 16.46
CA GLU A 95 12.52 -17.61 17.27
C GLU A 95 12.84 -17.51 18.76
N ARG A 96 14.04 -17.89 19.15
CA ARG A 96 14.43 -17.77 20.56
C ARG A 96 14.30 -16.33 21.04
N VAL A 97 14.70 -15.37 20.21
CA VAL A 97 14.65 -13.96 20.61
C VAL A 97 13.21 -13.49 20.75
N VAL A 98 12.37 -13.76 19.74
CA VAL A 98 11.00 -13.27 19.81
C VAL A 98 10.21 -14.02 20.89
N ASP A 99 10.52 -15.29 21.13
CA ASP A 99 9.80 -15.99 22.19
C ASP A 99 10.19 -15.48 23.57
N GLN A 100 11.45 -15.03 23.73
CA GLN A 100 11.85 -14.39 24.98
C GLN A 100 11.15 -13.05 25.16
N GLU A 101 11.02 -12.28 24.09
CA GLU A 101 10.28 -11.02 24.17
C GLU A 101 8.81 -11.27 24.52
N GLU A 102 8.20 -12.31 23.94
CA GLU A 102 6.81 -12.63 24.26
C GLU A 102 6.65 -12.97 25.73
N ALA A 103 7.51 -13.86 26.24
CA ALA A 103 7.42 -14.26 27.64
C ALA A 103 7.63 -13.08 28.58
N ASP A 104 8.44 -12.11 28.18
CA ASP A 104 8.71 -10.93 29.00
C ASP A 104 7.62 -9.88 28.92
N GLY A 105 6.56 -10.11 28.16
CA GLY A 105 5.41 -9.23 28.15
C GLY A 105 5.51 -8.03 27.22
N ARG A 106 6.29 -8.13 26.15
CA ARG A 106 6.48 -6.99 25.25
C ARG A 106 5.38 -6.87 24.20
N PHE A 107 4.55 -7.89 24.00
CA PHE A 107 3.52 -7.88 22.97
C PHE A 107 2.15 -7.84 23.62
N ASN A 108 1.40 -6.76 23.37
CA ASN A 108 0.07 -6.61 23.93
C ASN A 108 -0.99 -7.35 23.12
N THR A 109 -0.75 -7.59 21.84
CA THR A 109 -1.65 -8.34 20.98
C THR A 109 -0.83 -9.34 20.17
N PRO A 110 -1.48 -10.42 19.69
CA PRO A 110 -0.78 -11.28 18.72
C PRO A 110 -0.32 -10.55 17.48
N GLU A 111 -1.06 -9.53 17.04
CA GLU A 111 -0.61 -8.67 15.95
C GLU A 111 0.77 -8.09 16.21
N ALA A 112 1.03 -7.70 17.46
CA ALA A 112 2.31 -7.08 17.78
C ALA A 112 3.46 -8.09 17.67
N LYS A 113 3.24 -9.33 18.14
CA LYS A 113 4.28 -10.35 18.01
C LYS A 113 4.55 -10.67 16.55
N ALA A 114 3.48 -10.82 15.75
CA ALA A 114 3.66 -11.18 14.34
C ALA A 114 4.41 -10.08 13.59
N ALA A 115 4.10 -8.82 13.88
CA ALA A 115 4.81 -7.72 13.20
C ALA A 115 6.27 -7.65 13.65
N ASN A 116 6.51 -7.82 14.96
CA ASN A 116 7.91 -7.83 15.43
C ASN A 116 8.70 -8.97 14.81
N HIS A 117 8.09 -10.15 14.70
CA HIS A 117 8.75 -11.29 14.07
C HIS A 117 9.00 -11.01 12.59
N LYS A 118 7.97 -10.57 11.87
CA LYS A 118 8.13 -10.33 10.45
C LYS A 118 9.19 -9.27 10.17
N GLY A 119 9.13 -8.15 10.92
CA GLY A 119 10.10 -7.09 10.72
C GLY A 119 11.52 -7.55 10.96
N ARG A 120 11.75 -8.31 12.05
CA ARG A 120 13.09 -8.80 12.33
C ARG A 120 13.57 -9.77 11.26
N THR A 121 12.70 -10.68 10.81
CA THR A 121 13.12 -11.63 9.80
C THR A 121 13.41 -10.92 8.48
N TYR A 122 12.62 -9.91 8.13
CA TYR A 122 12.86 -9.20 6.88
C TYR A 122 14.24 -8.53 6.91
N PHE A 123 14.60 -7.90 8.03
CA PHE A 123 15.88 -7.22 8.11
C PHE A 123 17.04 -8.19 8.24
N ALA A 124 16.86 -9.29 8.97
CA ALA A 124 17.93 -10.29 9.04
C ALA A 124 18.15 -10.95 7.68
N ASP A 125 17.07 -11.19 6.93
CA ASP A 125 17.23 -11.80 5.61
C ASP A 125 17.85 -10.84 4.62
N MET A 126 17.68 -9.53 4.81
CA MET A 126 18.41 -8.57 3.98
C MET A 126 19.92 -8.78 4.14
N HIS A 127 20.37 -9.11 5.35
CA HIS A 127 21.78 -9.38 5.58
C HIS A 127 22.14 -10.82 5.21
N ARG A 128 21.25 -11.77 5.49
CA ARG A 128 21.55 -13.17 5.20
C ARG A 128 21.59 -13.46 3.70
N VAL A 129 20.65 -12.90 2.94
CA VAL A 129 20.42 -13.28 1.56
C VAL A 129 20.87 -12.19 0.59
N ASP A 130 20.44 -10.96 0.82
CA ASP A 130 20.73 -9.89 -0.14
C ASP A 130 22.17 -9.43 -0.04
N LEU A 131 22.62 -9.05 1.16
CA LEU A 131 23.97 -8.56 1.35
C LEU A 131 24.97 -9.67 1.66
N LYS A 132 24.50 -10.83 2.13
CA LYS A 132 25.38 -11.95 2.46
C LYS A 132 26.45 -11.53 3.48
N ASP A 133 26.07 -10.66 4.41
CA ASP A 133 27.00 -10.14 5.39
C ASP A 133 26.46 -10.27 6.81
N ASP A 134 25.62 -11.30 7.06
CA ASP A 134 25.02 -11.39 8.39
C ASP A 134 26.07 -11.65 9.46
N ASP A 135 27.16 -12.33 9.11
CA ASP A 135 28.25 -12.50 10.06
C ASP A 135 28.87 -11.17 10.45
N GLN A 136 29.02 -10.25 9.48
CA GLN A 136 29.57 -8.93 9.76
C GLN A 136 28.59 -8.09 10.55
N TRP A 137 27.31 -8.17 10.18
CA TRP A 137 26.26 -7.44 10.88
C TRP A 137 26.20 -7.86 12.34
N MET A 138 26.25 -9.16 12.61
CA MET A 138 26.21 -9.62 13.99
C MET A 138 27.47 -9.22 14.75
N ALA A 139 28.64 -9.30 14.11
CA ALA A 139 29.86 -8.89 14.81
C ALA A 139 29.80 -7.42 15.19
N LYS A 140 29.13 -6.60 14.39
CA LYS A 140 29.00 -5.20 14.75
C LYS A 140 28.18 -5.02 16.02
N GLN A 141 27.11 -5.82 16.17
CA GLN A 141 26.34 -5.78 17.41
C GLN A 141 27.21 -6.15 18.61
N VAL A 142 28.15 -7.08 18.44
CA VAL A 142 29.04 -7.46 19.54
C VAL A 142 29.98 -6.30 19.91
N TYR A 143 30.49 -5.58 18.90
CA TYR A 143 31.36 -4.44 19.18
C TYR A 143 30.62 -3.31 19.89
N LEU A 144 29.34 -3.11 19.53
CA LEU A 144 28.51 -2.18 20.28
C LEU A 144 28.40 -2.59 21.73
N ASN A 145 28.22 -3.90 21.98
CA ASN A 145 28.21 -4.40 23.35
C ASN A 145 29.52 -4.07 24.06
N VAL A 146 30.65 -4.28 23.38
CA VAL A 146 31.95 -3.94 23.99
C VAL A 146 31.98 -2.48 24.43
N GLY A 147 31.54 -1.58 23.55
CA GLY A 147 31.55 -0.16 23.89
C GLY A 147 30.67 0.17 25.07
N ASN A 148 29.47 -0.41 25.12
CA ASN A 148 28.64 -0.29 26.29
C ASN A 148 29.37 -0.80 27.53
N PHE A 149 30.03 -1.95 27.39
CA PHE A 149 30.69 -2.60 28.52
C PHE A 149 31.85 -1.77 29.07
N LEU A 150 32.71 -1.24 28.20
CA LEU A 150 33.89 -0.52 28.69
C LEU A 150 33.49 0.74 29.46
N LEU A 151 32.44 1.42 29.01
CA LEU A 151 31.97 2.60 29.75
C LEU A 151 31.31 2.17 31.05
N GLY A 152 30.57 1.06 31.02
CA GLY A 152 29.89 0.58 32.21
C GLY A 152 30.86 0.21 33.31
N VAL A 153 31.88 -0.59 32.99
CA VAL A 153 32.84 -0.97 34.02
C VAL A 153 33.65 0.23 34.48
N GLY A 154 33.92 1.19 33.58
CA GLY A 154 34.61 2.40 34.00
C GLY A 154 33.83 3.16 35.05
N ALA A 155 32.53 3.33 34.81
CA ALA A 155 31.62 3.96 35.77
C ALA A 155 31.48 3.16 37.05
N MET A 156 31.78 1.85 37.03
CA MET A 156 31.82 1.04 38.25
C MET A 156 33.10 1.22 39.04
N GLY A 157 34.09 1.96 38.51
CA GLY A 157 35.35 2.08 39.19
C GLY A 157 36.29 0.93 38.94
N LEU A 158 36.02 0.10 37.94
CA LEU A 158 36.88 -1.03 37.59
C LEU A 158 37.77 -0.67 36.41
N ASP A 159 38.97 -1.24 36.40
CA ASP A 159 39.88 -1.09 35.30
C ASP A 159 39.67 -2.20 34.27
N ALA A 160 39.97 -1.89 33.01
CA ALA A 160 39.67 -2.82 31.92
C ALA A 160 40.53 -2.44 30.72
N VAL A 161 40.62 -3.38 29.78
CA VAL A 161 41.27 -3.09 28.50
C VAL A 161 40.64 -3.95 27.42
N PRO A 162 40.21 -3.36 26.31
CA PRO A 162 39.74 -4.16 25.17
C PRO A 162 40.93 -4.61 24.33
N ILE A 163 40.89 -5.87 23.91
CA ILE A 163 42.02 -6.51 23.22
C ILE A 163 41.52 -7.17 21.94
N GLU A 164 42.05 -6.70 20.80
CA GLU A 164 41.97 -7.42 19.53
C GLU A 164 43.27 -8.16 19.22
N GLY A 165 44.32 -7.91 19.99
CA GLY A 165 45.62 -8.54 19.79
C GLY A 165 45.64 -9.94 20.37
N PHE A 166 44.96 -10.86 19.69
CA PHE A 166 44.96 -12.27 20.09
C PHE A 166 44.61 -13.09 18.85
N ASP A 167 44.97 -14.37 18.90
CA ASP A 167 44.69 -15.31 17.81
C ASP A 167 43.30 -15.90 18.02
N ALA A 168 42.32 -15.42 17.24
CA ALA A 168 40.94 -15.88 17.38
C ALA A 168 40.79 -17.35 17.00
N ALA A 169 41.57 -17.84 16.04
CA ALA A 169 41.51 -19.25 15.69
C ALA A 169 41.93 -20.13 16.86
N ILE A 170 42.96 -19.73 17.58
CA ILE A 170 43.41 -20.49 18.75
C ILE A 170 42.36 -20.42 19.85
N LEU A 171 41.83 -19.23 20.13
CA LEU A 171 40.82 -19.09 21.17
C LEU A 171 39.55 -19.86 20.82
N ASP A 172 39.09 -19.77 19.56
CA ASP A 172 37.90 -20.52 19.15
C ASP A 172 38.10 -22.01 19.38
N GLU A 173 39.26 -22.54 18.98
CA GLU A 173 39.52 -23.97 19.14
C GLU A 173 39.65 -24.35 20.61
N GLU A 174 40.17 -23.45 21.45
CA GLU A 174 40.35 -23.76 22.85
C GLU A 174 39.01 -23.99 23.54
N PHE A 175 37.99 -23.25 23.13
CA PHE A 175 36.66 -23.35 23.74
C PHE A 175 35.61 -23.96 22.81
N GLY A 176 36.04 -24.60 21.72
CA GLY A 176 35.08 -25.27 20.84
C GLY A 176 34.00 -24.37 20.29
N LEU A 177 34.36 -23.14 19.95
CA LEU A 177 33.34 -22.16 19.60
C LEU A 177 32.79 -22.39 18.20
N LYS A 178 33.62 -22.85 17.27
CA LYS A 178 33.15 -23.02 15.89
C LYS A 178 32.01 -24.04 15.83
N GLU A 179 32.16 -25.17 16.51
CA GLU A 179 31.11 -26.19 16.51
C GLU A 179 29.84 -25.67 17.15
N LYS A 180 29.95 -24.69 18.04
CA LYS A 180 28.79 -24.07 18.67
C LYS A 180 28.20 -22.93 17.84
N GLY A 181 28.88 -22.51 16.78
CA GLY A 181 28.38 -21.43 15.95
C GLY A 181 28.81 -20.05 16.38
N PHE A 182 29.91 -19.93 17.11
CA PHE A 182 30.40 -18.64 17.57
C PHE A 182 31.87 -18.47 17.23
N THR A 183 32.32 -17.22 17.26
CA THR A 183 33.73 -16.89 17.05
C THR A 183 34.09 -15.72 17.94
N SER A 184 35.30 -15.78 18.50
CA SER A 184 35.75 -14.75 19.44
C SER A 184 36.21 -13.50 18.69
N LEU A 185 35.85 -12.34 19.25
CA LEU A 185 36.16 -11.06 18.60
C LEU A 185 37.02 -10.15 19.45
N VAL A 186 36.69 -9.99 20.73
CA VAL A 186 37.38 -9.05 21.60
C VAL A 186 37.50 -9.70 22.97
N VAL A 187 38.67 -9.57 23.58
CA VAL A 187 38.92 -10.05 24.93
C VAL A 187 39.06 -8.84 25.82
N VAL A 188 38.35 -8.82 26.95
CA VAL A 188 38.40 -7.66 27.84
C VAL A 188 38.74 -8.11 29.26
N PRO A 189 39.99 -8.02 29.67
CA PRO A 189 40.32 -8.24 31.08
C PRO A 189 39.76 -7.10 31.93
N VAL A 190 39.23 -7.45 33.10
CA VAL A 190 38.60 -6.50 34.01
C VAL A 190 39.13 -6.73 35.42
N GLY A 191 39.48 -5.64 36.10
CA GLY A 191 39.97 -5.74 37.46
C GLY A 191 40.51 -4.44 38.02
N HIS A 192 41.72 -4.48 38.56
CA HIS A 192 42.36 -3.30 39.11
C HIS A 192 43.79 -3.24 38.59
N HIS A 193 44.22 -2.05 38.22
CA HIS A 193 45.53 -1.89 37.60
C HIS A 193 46.63 -2.08 38.63
N SER A 194 47.81 -2.42 38.12
CA SER A 194 49.03 -2.55 38.91
C SER A 194 49.95 -1.39 38.61
N VAL A 195 51.08 -1.34 39.33
CA VAL A 195 52.04 -0.26 39.14
C VAL A 195 52.61 -0.28 37.73
N GLU A 196 52.57 -1.43 37.06
CA GLU A 196 53.08 -1.46 35.69
C GLU A 196 52.10 -0.91 34.67
N ASP A 197 50.94 -0.39 35.09
CA ASP A 197 50.00 0.23 34.16
C ASP A 197 50.47 1.67 33.88
N PHE A 198 51.42 1.78 32.95
CA PHE A 198 51.97 3.08 32.59
C PHE A 198 50.94 4.00 31.96
N ASN A 199 49.86 3.45 31.40
CA ASN A 199 48.83 4.24 30.75
C ASN A 199 47.92 4.97 31.75
N ALA A 200 47.97 4.60 33.03
CA ALA A 200 47.15 5.25 34.03
C ALA A 200 47.54 6.71 34.22
N THR A 201 48.82 7.03 34.03
CA THR A 201 49.31 8.39 34.27
C THR A 201 49.47 9.20 32.99
N LEU A 202 49.39 8.56 31.82
CA LEU A 202 49.52 9.29 30.56
C LEU A 202 48.24 10.06 30.27
N PRO A 203 48.35 11.25 29.67
CA PRO A 203 47.14 11.96 29.24
C PRO A 203 46.44 11.22 28.13
N LYS A 204 45.12 11.37 28.07
CA LYS A 204 44.35 10.86 26.94
C LYS A 204 44.64 11.69 25.70
N SER A 205 44.30 11.14 24.54
CA SER A 205 44.50 11.85 23.28
C SER A 205 43.41 11.45 22.29
N ARG A 206 42.71 12.45 21.76
CA ARG A 206 41.73 12.25 20.71
C ARG A 206 41.89 13.37 19.67
N LEU A 207 41.51 13.06 18.44
CA LEU A 207 41.40 14.08 17.41
C LEU A 207 40.44 15.18 17.86
N PRO A 208 40.68 16.42 17.47
CA PRO A 208 39.83 17.53 17.94
C PRO A 208 38.43 17.51 17.33
N LEU A 209 37.49 18.09 18.07
CA LEU A 209 36.11 18.13 17.62
C LEU A 209 35.98 18.86 16.28
N SER A 210 36.86 19.83 16.01
CA SER A 210 36.84 20.51 14.73
C SER A 210 37.10 19.56 13.56
N THR A 211 37.72 18.41 13.81
CA THR A 211 37.98 17.41 12.78
C THR A 211 36.85 16.40 12.67
N ILE A 212 36.37 15.87 13.79
CA ILE A 212 35.50 14.69 13.76
C ILE A 212 34.02 15.03 13.79
N VAL A 213 33.64 16.28 14.09
CA VAL A 213 32.24 16.63 14.29
C VAL A 213 31.85 17.68 13.26
N THR A 214 30.71 17.46 12.61
CA THR A 214 30.05 18.47 11.78
C THR A 214 28.71 18.80 12.43
N GLU A 215 28.53 20.07 12.83
CA GLU A 215 27.26 20.52 13.39
C GLU A 215 26.40 21.07 12.26
N CYS A 216 25.14 20.62 12.21
CA CYS A 216 24.20 20.92 11.13
C CYS A 216 22.87 21.39 11.67
N ASP B 1 24.04 4.74 39.90
CA ASP B 1 24.52 3.40 39.56
C ASP B 1 24.36 3.14 38.06
N ILE B 2 25.46 2.78 37.40
CA ILE B 2 25.43 2.59 35.95
C ILE B 2 24.61 1.35 35.57
N ILE B 3 24.46 0.37 36.48
CA ILE B 3 23.61 -0.77 36.17
C ILE B 3 22.15 -0.36 36.16
N SER B 4 21.77 0.58 37.03
CA SER B 4 20.43 1.15 36.97
C SER B 4 20.19 1.82 35.63
N VAL B 5 21.18 2.56 35.13
CA VAL B 5 21.06 3.18 33.81
C VAL B 5 20.81 2.11 32.75
N ALA B 6 21.62 1.05 32.73
CA ALA B 6 21.49 -0.01 31.72
C ALA B 6 20.13 -0.68 31.80
N LEU B 7 19.61 -0.87 33.01
CA LEU B 7 18.31 -1.52 33.16
C LEU B 7 17.14 -0.59 32.90
N LYS B 8 17.36 0.72 32.91
CA LYS B 8 16.27 1.68 32.72
C LYS B 8 16.23 2.30 31.33
N ARG B 9 17.35 2.34 30.60
CA ARG B 9 17.32 2.99 29.30
C ARG B 9 16.56 2.13 28.29
N HIS B 10 16.00 2.78 27.28
CA HIS B 10 15.23 2.07 26.27
C HIS B 10 15.36 2.79 24.93
N SER B 11 15.05 2.06 23.85
CA SER B 11 15.02 2.64 22.51
C SER B 11 13.75 3.47 22.39
N THR B 12 13.89 4.78 22.27
CA THR B 12 12.74 5.67 22.23
C THR B 12 12.08 5.62 20.87
N LYS B 13 10.76 5.38 20.86
CA LYS B 13 10.04 5.24 19.61
C LYS B 13 9.30 6.51 19.21
N ALA B 14 9.22 7.50 20.10
CA ALA B 14 8.59 8.78 19.78
C ALA B 14 9.16 9.84 20.69
N PHE B 15 9.48 11.00 20.11
CA PHE B 15 10.14 12.08 20.81
C PHE B 15 9.24 13.31 20.90
N ASP B 16 9.40 14.06 22.00
CA ASP B 16 8.72 15.33 22.21
C ASP B 16 9.59 16.44 21.60
N ALA B 17 9.13 17.02 20.48
CA ALA B 17 9.95 17.96 19.75
C ALA B 17 10.21 19.26 20.52
N SER B 18 9.42 19.52 21.57
CA SER B 18 9.57 20.73 22.36
C SER B 18 10.61 20.62 23.46
N LYS B 19 11.13 19.41 23.74
CA LYS B 19 12.12 19.21 24.80
C LYS B 19 13.50 19.09 24.16
N LYS B 20 14.20 20.21 24.09
CA LYS B 20 15.54 20.27 23.55
C LYS B 20 16.56 19.90 24.62
N LEU B 21 17.71 19.41 24.16
CA LEU B 21 18.86 19.36 25.06
C LEU B 21 19.19 20.78 25.52
N THR B 22 19.72 20.88 26.73
CA THR B 22 20.29 22.14 27.15
C THR B 22 21.59 22.39 26.40
N ALA B 23 22.04 23.65 26.42
CA ALA B 23 23.32 23.97 25.79
C ALA B 23 24.44 23.12 26.36
N GLU B 24 24.42 22.86 27.67
CA GLU B 24 25.47 22.07 28.30
C GLU B 24 25.41 20.61 27.83
N GLU B 25 24.22 20.04 27.75
CA GLU B 25 24.09 18.67 27.27
C GLU B 25 24.60 18.55 25.83
N ALA B 26 24.35 19.58 25.01
CA ALA B 26 24.79 19.53 23.63
C ALA B 26 26.31 19.53 23.52
N GLU B 27 27.00 20.21 24.43
CA GLU B 27 28.46 20.17 24.43
C GLU B 27 28.98 18.85 24.99
N LYS B 28 28.28 18.27 25.97
CA LYS B 28 28.73 17.01 26.57
C LYS B 28 28.70 15.88 25.56
N ILE B 29 27.64 15.80 24.75
CA ILE B 29 27.52 14.64 23.87
C ILE B 29 28.61 14.65 22.80
N LYS B 30 29.14 15.81 22.44
CA LYS B 30 30.25 15.84 21.50
C LYS B 30 31.51 15.26 22.13
N THR B 31 31.82 15.63 23.38
CA THR B 31 32.92 15.00 24.09
C THR B 31 32.70 13.49 24.22
N LEU B 32 31.45 13.08 24.44
CA LEU B 32 31.14 11.66 24.56
C LEU B 32 31.46 10.90 23.27
N LEU B 33 31.09 11.46 22.13
CA LEU B 33 31.45 10.85 20.84
C LEU B 33 32.96 10.81 20.66
N GLN B 34 33.63 11.90 21.03
CA GLN B 34 35.05 12.06 20.75
C GLN B 34 35.90 11.06 21.53
N TYR B 35 35.54 10.77 22.78
CA TYR B 35 36.44 10.07 23.67
C TYR B 35 36.17 8.59 23.77
N SER B 36 35.29 8.06 22.94
CA SER B 36 35.18 6.61 22.83
C SER B 36 36.53 6.01 22.50
N PRO B 37 36.86 4.85 23.07
CA PRO B 37 38.08 4.14 22.64
C PRO B 37 37.89 3.58 21.23
N SER B 38 39.01 3.15 20.64
CA SER B 38 39.01 2.46 19.35
C SER B 38 40.34 1.72 19.24
N SER B 39 40.33 0.63 18.46
CA SER B 39 41.55 -0.16 18.27
C SER B 39 42.67 0.73 17.73
N THR B 40 43.81 0.68 18.43
CA THR B 40 45.00 1.49 18.17
C THR B 40 44.71 2.99 18.21
N ASN B 41 43.62 3.40 18.87
CA ASN B 41 43.16 4.80 18.88
C ASN B 41 42.94 5.31 17.46
N SER B 42 42.55 4.42 16.56
CA SER B 42 42.44 4.75 15.15
C SER B 42 41.35 5.77 14.87
N GLN B 43 40.35 5.89 15.75
CA GLN B 43 39.27 6.87 15.65
C GLN B 43 38.77 7.02 14.22
N PRO B 44 38.42 5.89 13.50
CA PRO B 44 38.16 5.98 12.06
C PRO B 44 36.74 6.46 11.77
N TRP B 45 36.38 7.64 12.30
CA TRP B 45 35.00 8.04 12.33
C TRP B 45 34.84 9.54 12.09
N HIS B 46 33.62 9.90 11.72
CA HIS B 46 33.15 11.27 11.67
C HIS B 46 31.70 11.28 12.11
N PHE B 47 31.26 12.40 12.68
CA PHE B 47 29.92 12.48 13.24
C PHE B 47 29.24 13.74 12.72
N ILE B 48 28.04 13.57 12.17
CA ILE B 48 27.16 14.70 11.88
C ILE B 48 26.24 14.86 13.09
N VAL B 49 26.22 16.05 13.67
CA VAL B 49 25.31 16.34 14.76
C VAL B 49 24.31 17.36 14.22
N ALA B 50 23.12 16.89 13.87
CA ALA B 50 22.09 17.76 13.31
C ALA B 50 21.17 18.24 14.42
N SER B 51 21.13 19.57 14.62
CA SER B 51 20.25 20.17 15.62
C SER B 51 19.28 21.20 15.04
N THR B 52 19.57 21.76 13.87
CA THR B 52 18.64 22.70 13.24
C THR B 52 17.51 21.93 12.54
N GLU B 53 16.45 22.68 12.23
CA GLU B 53 15.33 22.06 11.54
C GLU B 53 15.74 21.58 10.15
N GLU B 54 16.52 22.38 9.43
CA GLU B 54 16.97 21.98 8.10
C GLU B 54 17.86 20.75 8.17
N GLY B 55 18.83 20.76 9.09
CA GLY B 55 19.73 19.63 9.23
C GLY B 55 19.01 18.34 9.53
N LYS B 56 18.06 18.37 10.46
CA LYS B 56 17.33 17.15 10.81
C LYS B 56 16.46 16.68 9.66
N ALA B 57 15.87 17.62 8.91
CA ALA B 57 15.11 17.23 7.72
C ALA B 57 15.99 16.60 6.66
N ARG B 58 17.24 17.07 6.54
CA ARG B 58 18.16 16.48 5.57
C ARG B 58 18.50 15.04 5.94
N VAL B 59 18.76 14.78 7.22
CA VAL B 59 19.01 13.41 7.66
C VAL B 59 17.76 12.56 7.44
N ALA B 60 16.58 13.11 7.75
CA ALA B 60 15.34 12.35 7.65
C ALA B 60 15.04 11.88 6.24
N LYS B 61 15.58 12.55 5.21
CA LYS B 61 15.41 12.07 3.83
C LYS B 61 15.81 10.61 3.67
N SER B 62 16.77 10.15 4.48
CA SER B 62 17.25 8.77 4.39
C SER B 62 16.23 7.76 4.93
N ALA B 63 15.21 8.23 5.65
CA ALA B 63 14.18 7.37 6.19
C ALA B 63 12.87 7.43 5.41
N ALA B 64 12.83 8.15 4.29
CA ALA B 64 11.60 8.19 3.51
C ALA B 64 11.40 6.86 2.78
N GLY B 65 10.13 6.52 2.53
CA GLY B 65 9.80 5.29 1.84
C GLY B 65 9.79 4.05 2.72
N THR B 66 10.70 3.11 2.44
CA THR B 66 10.71 1.83 3.15
C THR B 66 10.97 2.01 4.64
N TYR B 67 11.77 2.98 5.03
CA TYR B 67 12.16 3.19 6.42
C TYR B 67 11.34 4.28 7.11
N VAL B 68 10.10 4.49 6.66
CA VAL B 68 9.32 5.64 7.12
C VAL B 68 9.02 5.56 8.61
N PHE B 69 8.95 4.36 9.19
CA PHE B 69 8.70 4.28 10.63
C PHE B 69 9.83 4.88 11.48
N ASN B 70 11.00 5.15 10.89
CA ASN B 70 12.06 5.87 11.60
C ASN B 70 12.12 7.35 11.26
N GLU B 71 11.26 7.85 10.37
CA GLU B 71 11.41 9.23 9.92
C GLU B 71 11.05 10.23 11.01
N ARG B 72 9.97 9.98 11.75
CA ARG B 72 9.55 10.94 12.76
C ARG B 72 10.53 10.99 13.92
N LYS B 73 11.22 9.88 14.20
CA LYS B 73 12.27 9.92 15.20
C LYS B 73 13.35 10.94 14.83
N MET B 74 13.72 10.98 13.55
CA MET B 74 14.78 11.90 13.13
C MET B 74 14.29 13.33 13.12
N LEU B 75 13.02 13.55 12.83
CA LEU B 75 12.48 14.90 12.76
C LEU B 75 12.17 15.47 14.13
N ASP B 76 11.73 14.64 15.07
CA ASP B 76 11.23 15.15 16.35
C ASP B 76 12.29 15.25 17.42
N ALA B 77 13.38 14.48 17.33
CA ALA B 77 14.40 14.53 18.37
C ALA B 77 15.10 15.90 18.38
N SER B 78 15.64 16.24 19.55
CA SER B 78 16.39 17.50 19.69
C SER B 78 17.61 17.52 18.78
N HIS B 79 18.50 16.54 18.96
CA HIS B 79 19.72 16.40 18.17
C HIS B 79 19.75 15.01 17.55
N VAL B 80 20.22 14.93 16.31
CA VAL B 80 20.34 13.65 15.60
C VAL B 80 21.80 13.47 15.22
N VAL B 81 22.41 12.39 15.69
CA VAL B 81 23.81 12.10 15.43
C VAL B 81 23.92 11.03 14.35
N VAL B 82 24.69 11.32 13.31
CA VAL B 82 24.97 10.34 12.26
C VAL B 82 26.39 9.82 12.49
N PHE B 83 26.50 8.53 12.85
CA PHE B 83 27.79 7.86 13.01
C PHE B 83 28.31 7.41 11.65
N CYS B 84 29.50 7.89 11.28
CA CYS B 84 30.12 7.54 10.01
C CYS B 84 31.48 6.89 10.23
N ALA B 85 31.81 5.92 9.38
CA ALA B 85 33.11 5.27 9.37
C ALA B 85 33.89 5.66 8.12
N LYS B 86 35.20 5.72 8.25
CA LYS B 86 36.06 5.91 7.09
C LYS B 86 35.87 4.75 6.12
N THR B 87 35.85 5.06 4.82
CA THR B 87 35.68 4.02 3.82
C THR B 87 36.98 3.27 3.54
N ALA B 88 38.12 3.89 3.80
CA ALA B 88 39.41 3.23 3.64
C ALA B 88 40.40 3.83 4.63
N MET B 89 41.25 2.98 5.19
CA MET B 89 42.30 3.45 6.10
C MET B 89 43.55 3.77 5.30
N ASP B 90 44.05 4.99 5.45
CA ASP B 90 45.22 5.46 4.74
C ASP B 90 46.34 5.78 5.72
N ASP B 91 47.57 5.81 5.19
CA ASP B 91 48.71 6.14 6.04
C ASP B 91 48.63 7.57 6.57
N ALA B 92 48.02 8.47 5.81
CA ALA B 92 47.91 9.86 6.28
C ALA B 92 47.05 9.95 7.53
N TRP B 93 45.97 9.16 7.59
CA TRP B 93 45.14 9.14 8.77
C TRP B 93 45.89 8.58 9.98
N LEU B 94 46.62 7.48 9.79
CA LEU B 94 47.38 6.89 10.88
C LEU B 94 48.42 7.87 11.42
N GLU B 95 49.07 8.63 10.53
CA GLU B 95 50.04 9.62 10.97
C GLU B 95 49.35 10.78 11.70
N ARG B 96 48.16 11.16 11.24
CA ARG B 96 47.40 12.19 11.96
C ARG B 96 47.15 11.78 13.40
N VAL B 97 46.73 10.53 13.62
CA VAL B 97 46.46 10.06 14.98
C VAL B 97 47.73 10.11 15.82
N VAL B 98 48.83 9.57 15.29
CA VAL B 98 50.05 9.52 16.10
C VAL B 98 50.62 10.92 16.31
N ASP B 99 50.41 11.84 15.37
CA ASP B 99 50.84 13.21 15.57
C ASP B 99 50.04 13.88 16.69
N GLN B 100 48.75 13.56 16.77
CA GLN B 100 47.92 14.10 17.84
C GLN B 100 48.31 13.51 19.19
N GLU B 101 48.60 12.21 19.23
CA GLU B 101 49.06 11.59 20.46
C GLU B 101 50.36 12.21 20.94
N GLU B 102 51.30 12.49 20.03
CA GLU B 102 52.54 13.12 20.43
C GLU B 102 52.30 14.53 20.95
N ALA B 103 51.47 15.31 20.24
CA ALA B 103 51.22 16.68 20.66
C ALA B 103 50.59 16.74 22.04
N ASP B 104 49.83 15.71 22.41
CA ASP B 104 49.17 15.64 23.71
C ASP B 104 50.07 15.05 24.78
N GLY B 105 51.32 14.70 24.47
CA GLY B 105 52.28 14.29 25.47
C GLY B 105 52.27 12.82 25.83
N ARG B 106 51.83 11.94 24.94
CA ARG B 106 51.75 10.52 25.29
C ARG B 106 53.07 9.79 25.11
N PHE B 107 54.08 10.41 24.51
CA PHE B 107 55.34 9.73 24.22
C PHE B 107 56.47 10.37 25.01
N ASN B 108 57.16 9.56 25.81
CA ASN B 108 58.26 10.05 26.63
C ASN B 108 59.54 10.20 25.82
N THR B 109 59.80 9.27 24.91
CA THR B 109 60.99 9.23 24.08
C THR B 109 60.60 9.06 22.63
N PRO B 110 61.52 9.33 21.70
CA PRO B 110 61.26 8.98 20.28
C PRO B 110 61.10 7.48 20.06
N GLU B 111 61.71 6.64 20.90
CA GLU B 111 61.52 5.20 20.80
C GLU B 111 60.12 4.77 21.21
N ALA B 112 59.36 5.64 21.87
CA ALA B 112 57.99 5.34 22.23
C ALA B 112 56.99 5.71 21.13
N LYS B 113 57.33 6.68 20.26
CA LYS B 113 56.44 7.02 19.16
C LYS B 113 56.53 6.00 18.04
N ALA B 114 57.76 5.65 17.63
CA ALA B 114 57.93 4.75 16.50
C ALA B 114 57.39 3.36 16.82
N ALA B 115 57.67 2.86 18.03
CA ALA B 115 57.10 1.57 18.42
C ALA B 115 55.58 1.62 18.46
N ASN B 116 55.02 2.80 18.73
CA ASN B 116 53.57 2.97 18.67
C ASN B 116 53.09 3.11 17.24
N HIS B 117 53.83 3.87 16.41
CA HIS B 117 53.46 4.04 15.01
C HIS B 117 53.53 2.73 14.26
N LYS B 118 54.57 1.93 14.51
CA LYS B 118 54.70 0.66 13.83
C LYS B 118 53.80 -0.41 14.43
N GLY B 119 53.46 -0.30 15.70
CA GLY B 119 52.49 -1.22 16.27
C GLY B 119 51.09 -0.97 15.74
N ARG B 120 50.78 0.29 15.45
CA ARG B 120 49.48 0.60 14.86
C ARG B 120 49.43 0.21 13.39
N THR B 121 50.55 0.35 12.67
CA THR B 121 50.55 0.04 11.25
C THR B 121 50.73 -1.45 10.99
N TYR B 122 51.39 -2.18 11.90
CA TYR B 122 51.49 -3.62 11.75
C TYR B 122 50.12 -4.28 11.87
N PHE B 123 49.31 -3.80 12.80
CA PHE B 123 47.94 -4.29 12.95
C PHE B 123 47.00 -3.69 11.91
N ALA B 124 47.31 -2.48 11.42
CA ALA B 124 46.47 -1.88 10.39
C ALA B 124 46.57 -2.65 9.07
N ASP B 125 47.78 -3.03 8.67
CA ASP B 125 47.95 -3.80 7.44
C ASP B 125 47.49 -5.25 7.59
N MET B 126 47.19 -5.70 8.82
CA MET B 126 46.59 -7.01 8.99
C MET B 126 45.18 -7.03 8.39
N HIS B 127 44.45 -5.92 8.51
CA HIS B 127 43.14 -5.79 7.88
C HIS B 127 43.19 -5.16 6.50
N ARG B 128 44.25 -4.41 6.19
CA ARG B 128 44.37 -3.77 4.88
C ARG B 128 44.92 -4.73 3.83
N VAL B 129 45.96 -5.50 4.18
CA VAL B 129 46.62 -6.36 3.20
C VAL B 129 46.08 -7.78 3.31
N ASP B 130 46.24 -8.39 4.49
CA ASP B 130 45.95 -9.81 4.64
C ASP B 130 44.46 -10.09 4.56
N LEU B 131 43.69 -9.56 5.51
CA LEU B 131 42.28 -9.90 5.65
C LEU B 131 41.35 -9.07 4.78
N LYS B 132 41.87 -8.06 4.08
CA LYS B 132 41.12 -7.16 3.19
C LYS B 132 39.73 -6.82 3.75
N ASP B 133 39.71 -6.35 5.00
CA ASP B 133 38.45 -5.98 5.64
C ASP B 133 38.60 -4.74 6.51
N ASP B 134 39.51 -3.82 6.14
CA ASP B 134 39.69 -2.61 6.93
C ASP B 134 38.41 -1.80 7.01
N ASP B 135 37.61 -1.78 5.95
CA ASP B 135 36.31 -1.12 6.01
C ASP B 135 35.43 -1.73 7.09
N GLN B 136 35.42 -3.06 7.18
CA GLN B 136 34.64 -3.71 8.24
C GLN B 136 35.26 -3.47 9.60
N TRP B 137 36.59 -3.51 9.69
CA TRP B 137 37.26 -3.24 10.96
C TRP B 137 36.95 -1.84 11.46
N MET B 138 36.96 -0.86 10.55
CA MET B 138 36.66 0.51 10.98
C MET B 138 35.21 0.65 11.40
N ALA B 139 34.29 0.05 10.63
CA ALA B 139 32.87 0.06 10.99
C ALA B 139 32.65 -0.52 12.39
N LYS B 140 33.39 -1.57 12.74
CA LYS B 140 33.22 -2.16 14.06
C LYS B 140 33.67 -1.20 15.16
N GLN B 141 34.72 -0.41 14.92
CA GLN B 141 35.10 0.62 15.87
C GLN B 141 33.99 1.65 16.03
N VAL B 142 33.26 1.95 14.95
CA VAL B 142 32.19 2.93 15.03
C VAL B 142 31.02 2.39 15.84
N TYR B 143 30.70 1.10 15.64
CA TYR B 143 29.65 0.47 16.44
C TYR B 143 30.01 0.45 17.92
N LEU B 144 31.28 0.20 18.24
CA LEU B 144 31.74 0.32 19.62
C LEU B 144 31.44 1.71 20.17
N ASN B 145 31.74 2.75 19.38
CA ASN B 145 31.39 4.11 19.76
C ASN B 145 29.90 4.24 20.05
N VAL B 146 29.06 3.71 19.15
CA VAL B 146 27.61 3.77 19.36
C VAL B 146 27.23 3.20 20.72
N GLY B 147 27.84 2.08 21.10
CA GLY B 147 27.51 1.48 22.38
C GLY B 147 27.92 2.34 23.54
N ASN B 148 29.11 2.93 23.46
CA ASN B 148 29.54 3.90 24.47
C ASN B 148 28.56 5.06 24.54
N PHE B 149 28.05 5.49 23.39
CA PHE B 149 27.22 6.70 23.31
C PHE B 149 25.83 6.48 23.91
N LEU B 150 25.22 5.31 23.64
CA LEU B 150 23.87 5.06 24.14
C LEU B 150 23.83 4.92 25.65
N LEU B 151 24.83 4.24 26.22
CA LEU B 151 24.93 4.20 27.67
C LEU B 151 25.21 5.59 28.23
N GLY B 152 26.08 6.33 27.54
CA GLY B 152 26.43 7.67 28.00
C GLY B 152 25.24 8.61 28.05
N VAL B 153 24.50 8.72 26.95
CA VAL B 153 23.34 9.63 26.98
C VAL B 153 22.30 9.14 27.96
N GLY B 154 22.18 7.81 28.14
CA GLY B 154 21.26 7.29 29.14
C GLY B 154 21.66 7.70 30.55
N ALA B 155 22.96 7.69 30.84
CA ALA B 155 23.43 8.15 32.14
C ALA B 155 23.16 9.63 32.35
N MET B 156 23.11 10.41 31.27
CA MET B 156 22.78 11.83 31.33
C MET B 156 21.29 12.09 31.51
N GLY B 157 20.44 11.07 31.52
CA GLY B 157 19.00 11.25 31.57
C GLY B 157 18.35 11.60 30.25
N LEU B 158 19.06 11.46 29.15
CA LEU B 158 18.53 11.73 27.82
C LEU B 158 18.00 10.45 27.18
N ASP B 159 17.00 10.62 26.33
CA ASP B 159 16.43 9.52 25.56
C ASP B 159 17.10 9.44 24.19
N ALA B 160 17.13 8.24 23.63
CA ALA B 160 17.77 8.02 22.34
C ALA B 160 17.25 6.74 21.71
N VAL B 161 17.55 6.59 20.41
CA VAL B 161 17.32 5.32 19.73
C VAL B 161 18.36 5.14 18.64
N PRO B 162 19.07 4.01 18.61
CA PRO B 162 19.96 3.72 17.48
C PRO B 162 19.17 3.17 16.30
N ILE B 163 19.51 3.62 15.10
CA ILE B 163 18.74 3.33 13.90
C ILE B 163 19.67 2.79 12.82
N GLU B 164 19.46 1.54 12.42
CA GLU B 164 19.99 0.99 11.19
C GLU B 164 18.99 1.05 10.04
N GLY B 165 17.72 1.28 10.33
CA GLY B 165 16.72 1.38 9.29
C GLY B 165 16.71 2.72 8.59
N PHE B 166 17.71 2.95 7.75
CA PHE B 166 17.79 4.15 6.92
C PHE B 166 18.56 3.78 5.67
N ASP B 167 18.44 4.63 4.65
CA ASP B 167 19.15 4.43 3.39
C ASP B 167 20.47 5.21 3.45
N ALA B 168 21.57 4.48 3.61
CA ALA B 168 22.89 5.10 3.73
C ALA B 168 23.34 5.76 2.43
N ALA B 169 22.91 5.22 1.28
CA ALA B 169 23.28 5.83 0.00
C ALA B 169 22.66 7.22 -0.13
N ILE B 170 21.43 7.37 0.34
CA ILE B 170 20.78 8.68 0.30
C ILE B 170 21.44 9.64 1.29
N LEU B 171 21.67 9.17 2.52
CA LEU B 171 22.33 10.02 3.51
C LEU B 171 23.74 10.40 3.08
N ASP B 172 24.50 9.46 2.52
CA ASP B 172 25.84 9.78 2.07
C ASP B 172 25.83 10.86 1.01
N GLU B 173 24.92 10.74 0.03
CA GLU B 173 24.84 11.74 -1.02
C GLU B 173 24.40 13.08 -0.48
N GLU B 174 23.48 13.08 0.49
CA GLU B 174 22.94 14.34 1.00
C GLU B 174 24.00 15.17 1.72
N PHE B 175 25.00 14.50 2.31
CA PHE B 175 26.06 15.20 3.02
C PHE B 175 27.41 15.06 2.35
N GLY B 176 27.45 14.54 1.13
CA GLY B 176 28.69 14.42 0.39
C GLY B 176 29.74 13.60 1.10
N LEU B 177 29.32 12.55 1.80
CA LEU B 177 30.24 11.82 2.68
C LEU B 177 31.27 11.04 1.88
N LYS B 178 30.88 10.50 0.71
CA LYS B 178 31.82 9.70 -0.09
C LYS B 178 33.04 10.49 -0.50
N GLU B 179 32.83 11.74 -0.93
CA GLU B 179 33.95 12.58 -1.34
C GLU B 179 34.84 12.93 -0.16
N LYS B 180 34.28 13.01 1.04
CA LYS B 180 35.06 13.23 2.25
C LYS B 180 35.68 11.96 2.80
N GLY B 181 35.34 10.80 2.23
CA GLY B 181 35.94 9.55 2.64
C GLY B 181 35.23 8.82 3.76
N PHE B 182 33.94 9.07 3.95
CA PHE B 182 33.16 8.46 5.02
C PHE B 182 31.87 7.86 4.46
N THR B 183 31.24 7.03 5.28
CA THR B 183 29.95 6.47 4.93
C THR B 183 29.14 6.33 6.23
N SER B 184 27.84 6.59 6.13
CA SER B 184 26.97 6.58 7.31
C SER B 184 26.58 5.16 7.68
N LEU B 185 26.63 4.87 8.98
CA LEU B 185 26.39 3.53 9.50
C LEU B 185 25.21 3.46 10.44
N VAL B 186 25.10 4.38 11.40
CA VAL B 186 24.05 4.37 12.40
C VAL B 186 23.58 5.80 12.62
N VAL B 187 22.26 5.99 12.71
CA VAL B 187 21.66 7.27 13.07
C VAL B 187 21.11 7.16 14.48
N VAL B 188 21.46 8.11 15.34
CA VAL B 188 20.98 8.08 16.72
C VAL B 188 20.31 9.39 17.07
N PRO B 189 18.98 9.49 16.95
CA PRO B 189 18.28 10.66 17.50
C PRO B 189 18.36 10.69 19.02
N VAL B 190 18.56 11.89 19.57
CA VAL B 190 18.74 12.12 21.00
C VAL B 190 17.81 13.24 21.44
N GLY B 191 17.13 13.03 22.57
CA GLY B 191 16.22 14.04 23.09
C GLY B 191 15.44 13.54 24.30
N HIS B 192 14.14 13.74 24.29
CA HIS B 192 13.24 13.30 25.36
C HIS B 192 12.01 12.66 24.75
N HIS B 193 11.62 11.51 25.30
CA HIS B 193 10.48 10.78 24.75
C HIS B 193 9.17 11.50 25.05
N SER B 194 8.19 11.29 24.19
CA SER B 194 6.84 11.79 24.34
C SER B 194 5.92 10.69 24.86
N VAL B 195 4.67 11.07 25.15
CA VAL B 195 3.70 10.08 25.62
C VAL B 195 3.36 9.04 24.56
N GLU B 196 3.66 9.31 23.28
CA GLU B 196 3.42 8.34 22.22
C GLU B 196 4.50 7.26 22.16
N ASP B 197 5.54 7.35 22.98
CA ASP B 197 6.59 6.34 23.00
C ASP B 197 6.10 5.07 23.70
N PHE B 198 5.49 4.15 22.94
CA PHE B 198 4.95 2.93 23.53
C PHE B 198 6.03 2.08 24.18
N ASN B 199 7.30 2.24 23.77
CA ASN B 199 8.39 1.44 24.32
C ASN B 199 8.87 1.96 25.67
N ALA B 200 8.45 3.15 26.08
CA ALA B 200 8.88 3.67 27.37
C ALA B 200 8.31 2.85 28.52
N THR B 201 7.13 2.28 28.36
CA THR B 201 6.49 1.50 29.42
C THR B 201 6.52 0.01 29.15
N LEU B 202 7.29 -0.44 28.18
CA LEU B 202 7.38 -1.88 28.00
C LEU B 202 8.56 -2.43 28.80
N PRO B 203 8.42 -3.63 29.37
CA PRO B 203 9.57 -4.24 30.06
C PRO B 203 10.67 -4.60 29.08
N LYS B 204 11.91 -4.48 29.53
CA LYS B 204 13.04 -4.91 28.72
C LYS B 204 13.06 -6.42 28.63
N SER B 205 13.63 -6.93 27.55
CA SER B 205 13.70 -8.37 27.32
C SER B 205 15.10 -8.72 26.85
N ARG B 206 15.73 -9.67 27.55
CA ARG B 206 17.04 -10.18 27.17
C ARG B 206 17.05 -11.69 27.36
N LEU B 207 17.84 -12.37 26.55
CA LEU B 207 18.08 -13.79 26.75
C LEU B 207 18.70 -14.01 28.15
N PRO B 208 18.44 -15.15 28.77
CA PRO B 208 18.94 -15.39 30.13
C PRO B 208 20.45 -15.64 30.15
N LEU B 209 21.05 -15.42 31.33
CA LEU B 209 22.48 -15.64 31.49
C LEU B 209 22.86 -17.08 31.19
N SER B 210 21.97 -18.03 31.48
CA SER B 210 22.27 -19.43 31.23
C SER B 210 22.47 -19.74 29.76
N THR B 211 21.96 -18.87 28.87
CA THR B 211 22.17 -18.99 27.44
C THR B 211 23.45 -18.26 27.01
N ILE B 212 23.61 -17.00 27.42
CA ILE B 212 24.62 -16.16 26.78
C ILE B 212 25.97 -16.14 27.49
N VAL B 213 26.10 -16.76 28.66
CA VAL B 213 27.34 -16.66 29.45
C VAL B 213 27.84 -18.05 29.80
N THR B 214 29.13 -18.29 29.56
CA THR B 214 29.84 -19.47 30.04
C THR B 214 30.89 -19.01 31.03
N GLU B 215 30.75 -19.42 32.28
CA GLU B 215 31.71 -19.09 33.32
C GLU B 215 32.76 -20.19 33.41
N CYS B 216 34.03 -19.79 33.53
CA CYS B 216 35.10 -20.77 33.66
C CYS B 216 36.23 -20.24 34.53
N ASP C 1 -45.24 -8.37 -9.45
CA ASP C 1 -45.21 -6.93 -9.73
C ASP C 1 -43.79 -6.48 -10.04
N ILE C 2 -43.59 -5.95 -11.24
CA ILE C 2 -42.26 -5.50 -11.66
C ILE C 2 -41.79 -4.29 -10.84
N ILE C 3 -42.71 -3.52 -10.24
CA ILE C 3 -42.29 -2.41 -9.40
C ILE C 3 -41.70 -2.93 -8.09
N SER C 4 -42.28 -4.01 -7.55
CA SER C 4 -41.67 -4.68 -6.40
C SER C 4 -40.26 -5.16 -6.72
N VAL C 5 -40.07 -5.69 -7.93
CA VAL C 5 -38.74 -6.11 -8.39
C VAL C 5 -37.78 -4.93 -8.39
N ALA C 6 -38.19 -3.80 -8.99
CA ALA C 6 -37.32 -2.62 -9.06
C ALA C 6 -36.96 -2.12 -7.67
N LEU C 7 -37.91 -2.17 -6.74
CA LEU C 7 -37.66 -1.70 -5.38
C LEU C 7 -36.89 -2.70 -4.53
N LYS C 8 -36.82 -3.97 -4.95
CA LYS C 8 -36.16 -5.01 -4.16
C LYS C 8 -34.80 -5.43 -4.70
N ARG C 9 -34.54 -5.28 -5.99
CA ARG C 9 -33.23 -5.68 -6.51
C ARG C 9 -32.15 -4.76 -5.96
N HIS C 10 -30.93 -5.29 -5.86
CA HIS C 10 -29.81 -4.50 -5.37
C HIS C 10 -28.53 -4.98 -6.02
N SER C 11 -27.50 -4.16 -5.93
CA SER C 11 -26.18 -4.52 -6.45
C SER C 11 -25.50 -5.45 -5.46
N THR C 12 -25.32 -6.70 -5.86
CA THR C 12 -24.76 -7.71 -4.97
C THR C 12 -23.26 -7.52 -4.81
N LYS C 13 -22.81 -7.43 -3.56
CA LYS C 13 -21.40 -7.18 -3.29
C LYS C 13 -20.61 -8.44 -2.95
N ALA C 14 -21.27 -9.58 -2.77
CA ALA C 14 -20.58 -10.84 -2.54
C ALA C 14 -21.53 -11.97 -2.89
N PHE C 15 -21.00 -12.98 -3.60
CA PHE C 15 -21.79 -14.08 -4.12
C PHE C 15 -21.45 -15.40 -3.44
N ASP C 16 -22.44 -16.28 -3.36
CA ASP C 16 -22.28 -17.63 -2.83
C ASP C 16 -21.89 -18.54 -3.99
N ALA C 17 -20.65 -19.00 -4.00
CA ALA C 17 -20.15 -19.76 -5.14
C ALA C 17 -20.82 -21.11 -5.28
N SER C 18 -21.46 -21.61 -4.21
CA SER C 18 -22.12 -22.91 -4.26
C SER C 18 -23.51 -22.85 -4.89
N LYS C 19 -24.07 -21.67 -5.13
CA LYS C 19 -25.43 -21.51 -5.65
C LYS C 19 -25.35 -21.12 -7.13
N LYS C 20 -25.41 -22.13 -7.99
CA LYS C 20 -25.35 -21.93 -9.43
C LYS C 20 -26.72 -21.66 -10.00
N LEU C 21 -26.74 -20.96 -11.14
CA LEU C 21 -27.96 -20.89 -11.92
C LEU C 21 -28.38 -22.31 -12.31
N THR C 22 -29.67 -22.53 -12.42
CA THR C 22 -30.14 -23.77 -13.00
C THR C 22 -29.86 -23.76 -14.51
N ALA C 23 -29.91 -24.94 -15.12
CA ALA C 23 -29.74 -25.04 -16.56
C ALA C 23 -30.77 -24.19 -17.29
N GLU C 24 -32.02 -24.17 -16.80
CA GLU C 24 -33.05 -23.37 -17.45
C GLU C 24 -32.77 -21.88 -17.30
N GLU C 25 -32.34 -21.46 -16.11
CA GLU C 25 -32.00 -20.05 -15.93
C GLU C 25 -30.87 -19.63 -16.86
N ALA C 26 -29.90 -20.52 -17.07
CA ALA C 26 -28.78 -20.20 -17.95
C ALA C 26 -29.22 -20.03 -19.40
N GLU C 27 -30.23 -20.79 -19.84
CA GLU C 27 -30.74 -20.57 -21.19
C GLU C 27 -31.56 -19.29 -21.29
N LYS C 28 -32.31 -18.96 -20.22
CA LYS C 28 -33.16 -17.78 -20.23
C LYS C 28 -32.35 -16.49 -20.34
N ILE C 29 -31.22 -16.41 -19.62
CA ILE C 29 -30.47 -15.17 -19.64
C ILE C 29 -29.86 -14.91 -21.01
N LYS C 30 -29.62 -15.95 -21.80
CA LYS C 30 -29.15 -15.72 -23.17
C LYS C 30 -30.23 -15.08 -24.02
N THR C 31 -31.47 -15.59 -23.93
CA THR C 31 -32.58 -14.97 -24.64
C THR C 31 -32.78 -13.54 -24.16
N LEU C 32 -32.57 -13.28 -22.86
CA LEU C 32 -32.73 -11.94 -22.32
C LEU C 32 -31.72 -10.96 -22.92
N LEU C 33 -30.45 -11.38 -23.04
CA LEU C 33 -29.46 -10.55 -23.71
C LEU C 33 -29.85 -10.31 -25.18
N GLN C 34 -30.31 -11.36 -25.84
CA GLN C 34 -30.56 -11.31 -27.27
C GLN C 34 -31.68 -10.33 -27.62
N TYR C 35 -32.74 -10.29 -26.82
CA TYR C 35 -33.98 -9.65 -27.26
C TYR C 35 -34.14 -8.23 -26.72
N SER C 36 -33.10 -7.69 -26.11
CA SER C 36 -33.09 -6.26 -25.81
C SER C 36 -33.36 -5.46 -27.08
N PRO C 37 -34.11 -4.37 -26.99
CA PRO C 37 -34.21 -3.46 -28.14
C PRO C 37 -32.90 -2.72 -28.33
N SER C 38 -32.81 -2.04 -29.47
CA SER C 38 -31.69 -1.15 -29.81
C SER C 38 -32.13 -0.28 -30.98
N SER C 39 -31.51 0.90 -31.10
CA SER C 39 -31.83 1.82 -32.18
C SER C 39 -31.64 1.16 -33.55
N THR C 40 -32.69 1.22 -34.38
CA THR C 40 -32.79 0.59 -35.70
C THR C 40 -32.56 -0.91 -35.64
N ASN C 41 -32.77 -1.54 -34.48
CA ASN C 41 -32.45 -2.95 -34.28
C ASN C 41 -30.98 -3.22 -34.63
N SER C 42 -30.11 -2.22 -34.40
CA SER C 42 -28.72 -2.34 -34.83
C SER C 42 -27.97 -3.45 -34.11
N GLN C 43 -28.41 -3.81 -32.88
CA GLN C 43 -27.83 -4.91 -32.11
C GLN C 43 -26.31 -4.91 -32.14
N PRO C 44 -25.63 -3.75 -31.83
CA PRO C 44 -24.19 -3.65 -32.10
C PRO C 44 -23.34 -4.23 -30.98
N TRP C 45 -23.57 -5.51 -30.67
CA TRP C 45 -23.06 -6.05 -29.42
C TRP C 45 -22.62 -7.51 -29.59
N HIS C 46 -21.85 -7.96 -28.61
CA HIS C 46 -21.50 -9.36 -28.43
C HIS C 46 -21.41 -9.61 -26.93
N PHE C 47 -21.70 -10.84 -26.51
CA PHE C 47 -21.75 -11.18 -25.10
C PHE C 47 -20.90 -12.41 -24.83
N ILE C 48 -20.00 -12.30 -23.86
CA ILE C 48 -19.30 -13.44 -23.27
C ILE C 48 -20.06 -13.87 -22.02
N VAL C 49 -20.48 -15.11 -21.97
CA VAL C 49 -21.12 -15.65 -20.79
C VAL C 49 -20.17 -16.69 -20.21
N ALA C 50 -19.44 -16.31 -19.17
CA ALA C 50 -18.46 -17.19 -18.54
C ALA C 50 -19.12 -17.93 -17.38
N SER C 51 -19.18 -19.26 -17.49
CA SER C 51 -19.71 -20.09 -16.42
C SER C 51 -18.74 -21.14 -15.92
N THR C 52 -17.65 -21.42 -16.64
CA THR C 52 -16.63 -22.33 -16.16
C THR C 52 -15.66 -21.61 -15.23
N GLU C 53 -14.94 -22.40 -14.43
CA GLU C 53 -13.96 -21.81 -13.52
C GLU C 53 -12.86 -21.09 -14.28
N GLU C 54 -12.37 -21.70 -15.38
CA GLU C 54 -11.34 -21.06 -16.19
C GLU C 54 -11.87 -19.76 -16.81
N GLY C 55 -13.05 -19.84 -17.42
CA GLY C 55 -13.64 -18.65 -18.03
C GLY C 55 -13.83 -17.51 -17.06
N LYS C 56 -14.36 -17.81 -15.87
CA LYS C 56 -14.56 -16.74 -14.89
C LYS C 56 -13.22 -16.21 -14.38
N ALA C 57 -12.20 -17.06 -14.27
CA ALA C 57 -10.90 -16.56 -13.85
C ALA C 57 -10.28 -15.67 -14.92
N ARG C 58 -10.53 -15.98 -16.20
CA ARG C 58 -10.02 -15.14 -17.27
C ARG C 58 -10.66 -13.75 -17.23
N VAL C 59 -11.97 -13.68 -17.02
CA VAL C 59 -12.63 -12.39 -16.87
C VAL C 59 -12.07 -11.66 -15.66
N ALA C 60 -11.85 -12.40 -14.56
CA ALA C 60 -11.39 -11.82 -13.31
C ALA C 60 -10.03 -11.14 -13.42
N LYS C 61 -9.20 -11.52 -14.41
CA LYS C 61 -7.96 -10.80 -14.67
C LYS C 61 -8.17 -9.30 -14.83
N SER C 62 -9.32 -8.88 -15.37
CA SER C 62 -9.54 -7.47 -15.66
C SER C 62 -9.69 -6.63 -14.40
N ALA C 63 -9.94 -7.26 -13.25
CA ALA C 63 -10.10 -6.55 -12.00
C ALA C 63 -8.97 -6.79 -11.01
N ALA C 64 -7.88 -7.43 -11.44
CA ALA C 64 -6.74 -7.56 -10.54
C ALA C 64 -6.04 -6.20 -10.42
N GLY C 65 -5.51 -5.93 -9.23
CA GLY C 65 -4.78 -4.68 -8.98
C GLY C 65 -5.73 -3.54 -8.55
N THR C 66 -5.88 -2.55 -9.42
CA THR C 66 -6.65 -1.35 -9.09
C THR C 66 -8.10 -1.67 -8.72
N TYR C 67 -8.75 -2.56 -9.47
CA TYR C 67 -10.16 -2.85 -9.27
C TYR C 67 -10.37 -4.13 -8.47
N VAL C 68 -9.48 -4.42 -7.51
CA VAL C 68 -9.50 -5.69 -6.81
C VAL C 68 -10.79 -5.86 -6.00
N PHE C 69 -11.43 -4.77 -5.60
CA PHE C 69 -12.69 -4.90 -4.89
C PHE C 69 -13.80 -5.54 -5.74
N ASN C 70 -13.66 -5.58 -7.07
CA ASN C 70 -14.61 -6.30 -7.91
C ASN C 70 -14.15 -7.69 -8.29
N GLU C 71 -12.94 -8.10 -7.91
CA GLU C 71 -12.43 -9.38 -8.40
C GLU C 71 -13.21 -10.56 -7.85
N ARG C 72 -13.55 -10.54 -6.56
CA ARG C 72 -14.23 -11.70 -5.99
C ARG C 72 -15.65 -11.85 -6.52
N LYS C 73 -16.32 -10.75 -6.86
CA LYS C 73 -17.64 -10.86 -7.45
C LYS C 73 -17.60 -11.66 -8.74
N MET C 74 -16.56 -11.47 -9.55
CA MET C 74 -16.44 -12.21 -10.81
C MET C 74 -16.07 -13.66 -10.58
N LEU C 75 -15.29 -13.95 -9.53
CA LEU C 75 -14.89 -15.32 -9.28
C LEU C 75 -16.02 -16.12 -8.65
N ASP C 76 -16.80 -15.50 -7.78
CA ASP C 76 -17.75 -16.23 -6.95
C ASP C 76 -19.13 -16.38 -7.57
N ALA C 77 -19.51 -15.49 -8.49
CA ALA C 77 -20.85 -15.60 -9.07
C ALA C 77 -20.93 -16.83 -9.96
N SER C 78 -22.17 -17.30 -10.15
CA SER C 78 -22.39 -18.50 -10.98
C SER C 78 -21.99 -18.24 -12.42
N HIS C 79 -22.59 -17.22 -13.04
CA HIS C 79 -22.33 -16.83 -14.42
C HIS C 79 -21.92 -15.36 -14.46
N VAL C 80 -21.03 -15.02 -15.37
CA VAL C 80 -20.51 -13.67 -15.50
C VAL C 80 -20.63 -13.26 -16.97
N VAL C 81 -21.41 -12.22 -17.23
CA VAL C 81 -21.67 -11.75 -18.59
C VAL C 81 -20.81 -10.53 -18.87
N VAL C 82 -20.06 -10.56 -19.96
CA VAL C 82 -19.29 -9.41 -20.42
C VAL C 82 -20.05 -8.78 -21.58
N PHE C 83 -20.57 -7.56 -21.37
CA PHE C 83 -21.25 -6.82 -22.43
C PHE C 83 -20.22 -6.11 -23.31
N CYS C 84 -20.23 -6.42 -24.60
CA CYS C 84 -19.29 -5.82 -25.54
C CYS C 84 -20.03 -5.04 -26.62
N ALA C 85 -19.43 -3.94 -27.07
CA ALA C 85 -19.94 -3.11 -28.14
C ALA C 85 -19.01 -3.18 -29.34
N LYS C 86 -19.57 -3.14 -30.55
CA LYS C 86 -18.75 -2.95 -31.73
C LYS C 86 -18.00 -1.63 -31.64
N THR C 87 -16.79 -1.61 -32.19
CA THR C 87 -15.96 -0.41 -32.16
C THR C 87 -16.24 0.54 -33.32
N ALA C 88 -16.83 0.05 -34.40
CA ALA C 88 -17.24 0.88 -35.53
C ALA C 88 -18.42 0.21 -36.21
N MET C 89 -19.37 1.01 -36.69
CA MET C 89 -20.57 0.47 -37.35
C MET C 89 -20.28 0.35 -38.83
N ASP C 90 -20.01 -0.86 -39.29
CA ASP C 90 -19.74 -1.12 -40.69
C ASP C 90 -21.02 -1.46 -41.45
N ASP C 91 -20.98 -1.23 -42.76
CA ASP C 91 -22.15 -1.48 -43.58
C ASP C 91 -22.50 -2.97 -43.67
N ALA C 92 -21.50 -3.85 -43.56
CA ALA C 92 -21.79 -5.28 -43.59
C ALA C 92 -22.69 -5.67 -42.42
N TRP C 93 -22.45 -5.09 -41.25
CA TRP C 93 -23.29 -5.36 -40.10
C TRP C 93 -24.72 -4.86 -40.32
N LEU C 94 -24.88 -3.66 -40.89
CA LEU C 94 -26.21 -3.16 -41.21
C LEU C 94 -26.93 -4.09 -42.19
N GLU C 95 -26.22 -4.58 -43.21
CA GLU C 95 -26.84 -5.50 -44.15
C GLU C 95 -27.15 -6.84 -43.49
N ARG C 96 -26.30 -7.29 -42.56
CA ARG C 96 -26.60 -8.49 -41.79
C ARG C 96 -27.90 -8.34 -41.00
N VAL C 97 -28.14 -7.15 -40.42
CA VAL C 97 -29.31 -6.95 -39.59
C VAL C 97 -30.59 -6.95 -40.44
N VAL C 98 -30.57 -6.25 -41.58
CA VAL C 98 -31.78 -6.18 -42.39
C VAL C 98 -32.06 -7.53 -43.06
N ASP C 99 -31.02 -8.29 -43.40
CA ASP C 99 -31.24 -9.63 -43.97
C ASP C 99 -31.88 -10.55 -42.94
N GLN C 100 -31.46 -10.45 -41.67
CA GLN C 100 -32.06 -11.25 -40.61
C GLN C 100 -33.52 -10.86 -40.41
N GLU C 101 -33.81 -9.55 -40.37
CA GLU C 101 -35.19 -9.11 -40.27
C GLU C 101 -36.02 -9.64 -41.43
N GLU C 102 -35.46 -9.65 -42.63
CA GLU C 102 -36.17 -10.22 -43.78
C GLU C 102 -36.40 -11.72 -43.60
N ALA C 103 -35.36 -12.44 -43.15
CA ALA C 103 -35.49 -13.90 -43.02
C ALA C 103 -36.52 -14.28 -41.97
N ASP C 104 -36.73 -13.42 -40.98
CA ASP C 104 -37.72 -13.67 -39.94
C ASP C 104 -39.13 -13.22 -40.33
N GLY C 105 -39.31 -12.68 -41.53
CA GLY C 105 -40.63 -12.35 -42.03
C GLY C 105 -41.13 -10.94 -41.72
N ARG C 106 -40.24 -9.98 -41.52
CA ARG C 106 -40.68 -8.63 -41.14
C ARG C 106 -41.03 -7.73 -42.32
N PHE C 107 -40.83 -8.17 -43.57
CA PHE C 107 -41.13 -7.35 -44.74
C PHE C 107 -42.07 -8.10 -45.68
N ASN C 108 -43.12 -7.41 -46.13
CA ASN C 108 -44.06 -7.99 -47.08
C ASN C 108 -43.78 -7.61 -48.52
N THR C 109 -42.87 -6.67 -48.77
CA THR C 109 -42.54 -6.20 -50.10
C THR C 109 -41.05 -5.97 -50.19
N PRO C 110 -40.48 -5.99 -51.40
CA PRO C 110 -39.08 -5.54 -51.55
C PRO C 110 -38.90 -4.09 -51.15
N GLU C 111 -39.90 -3.24 -51.44
CA GLU C 111 -39.79 -1.83 -51.11
C GLU C 111 -39.70 -1.61 -49.61
N ALA C 112 -40.41 -2.43 -48.83
CA ALA C 112 -40.38 -2.27 -47.37
C ALA C 112 -39.00 -2.58 -46.82
N LYS C 113 -38.33 -3.59 -47.36
CA LYS C 113 -36.95 -3.88 -46.93
C LYS C 113 -36.02 -2.73 -47.32
N ALA C 114 -36.19 -2.19 -48.53
CA ALA C 114 -35.33 -1.09 -48.97
C ALA C 114 -35.53 0.16 -48.11
N ALA C 115 -36.78 0.45 -47.75
CA ALA C 115 -37.06 1.62 -46.91
C ALA C 115 -36.46 1.44 -45.51
N ASN C 116 -36.55 0.22 -44.97
CA ASN C 116 -35.95 -0.03 -43.67
C ASN C 116 -34.43 0.09 -43.72
N HIS C 117 -33.82 -0.45 -44.79
CA HIS C 117 -32.36 -0.34 -44.95
C HIS C 117 -31.95 1.11 -45.13
N LYS C 118 -32.71 1.88 -45.90
CA LYS C 118 -32.40 3.29 -46.10
C LYS C 118 -32.52 4.08 -44.80
N GLY C 119 -33.57 3.79 -44.01
CA GLY C 119 -33.75 4.51 -42.76
C GLY C 119 -32.66 4.19 -41.74
N ARG C 120 -32.21 2.93 -41.72
CA ARG C 120 -31.13 2.55 -40.81
C ARG C 120 -29.81 3.18 -41.23
N THR C 121 -29.52 3.18 -42.54
CA THR C 121 -28.29 3.80 -43.02
C THR C 121 -28.29 5.29 -42.74
N TYR C 122 -29.46 5.93 -42.86
CA TYR C 122 -29.54 7.37 -42.62
C TYR C 122 -29.14 7.71 -41.19
N PHE C 123 -29.70 7.00 -40.21
CA PHE C 123 -29.36 7.30 -38.83
C PHE C 123 -27.94 6.85 -38.48
N ALA C 124 -27.48 5.74 -39.05
CA ALA C 124 -26.09 5.33 -38.85
C ALA C 124 -25.13 6.37 -39.39
N ASP C 125 -25.46 6.99 -40.52
CA ASP C 125 -24.59 8.01 -41.11
C ASP C 125 -24.61 9.31 -40.32
N MET C 126 -25.73 9.63 -39.67
CA MET C 126 -25.76 10.78 -38.77
C MET C 126 -24.69 10.66 -37.69
N HIS C 127 -24.40 9.43 -37.23
CA HIS C 127 -23.38 9.21 -36.23
C HIS C 127 -22.00 8.95 -36.85
N ARG C 128 -21.95 8.15 -37.91
CA ARG C 128 -20.67 7.82 -38.55
C ARG C 128 -20.06 9.02 -39.27
N VAL C 129 -20.89 9.88 -39.86
CA VAL C 129 -20.41 10.98 -40.71
C VAL C 129 -20.55 12.32 -40.01
N ASP C 130 -21.78 12.72 -39.66
CA ASP C 130 -22.01 14.09 -39.19
C ASP C 130 -21.52 14.29 -37.76
N LEU C 131 -21.80 13.34 -36.87
CA LEU C 131 -21.45 13.50 -35.47
C LEU C 131 -20.13 12.81 -35.10
N LYS C 132 -19.67 11.83 -35.89
CA LYS C 132 -18.42 11.12 -35.62
C LYS C 132 -18.43 10.46 -34.24
N ASP C 133 -19.57 9.87 -33.86
CA ASP C 133 -19.72 9.29 -32.54
C ASP C 133 -20.41 7.92 -32.58
N ASP C 134 -20.25 7.18 -33.68
CA ASP C 134 -20.93 5.90 -33.78
C ASP C 134 -20.43 4.91 -32.72
N ASP C 135 -19.17 5.04 -32.30
CA ASP C 135 -18.70 4.19 -31.21
C ASP C 135 -19.46 4.49 -29.92
N GLN C 136 -19.71 5.77 -29.65
CA GLN C 136 -20.49 6.14 -28.48
C GLN C 136 -21.95 5.76 -28.64
N TRP C 137 -22.48 5.92 -29.85
CA TRP C 137 -23.87 5.55 -30.13
C TRP C 137 -24.09 4.06 -29.89
N MET C 138 -23.17 3.22 -30.36
CA MET C 138 -23.32 1.78 -30.17
C MET C 138 -23.17 1.40 -28.71
N ALA C 139 -22.20 2.00 -28.01
CA ALA C 139 -22.03 1.74 -26.58
C ALA C 139 -23.31 2.05 -25.81
N LYS C 140 -24.03 3.10 -26.22
CA LYS C 140 -25.25 3.46 -25.51
C LYS C 140 -26.32 2.40 -25.68
N GLN C 141 -26.41 1.79 -26.86
CA GLN C 141 -27.30 0.65 -27.06
C GLN C 141 -26.93 -0.49 -26.13
N VAL C 142 -25.63 -0.73 -25.95
CA VAL C 142 -25.19 -1.80 -25.05
C VAL C 142 -25.61 -1.50 -23.63
N TYR C 143 -25.48 -0.24 -23.19
CA TYR C 143 -25.93 0.13 -21.85
C TYR C 143 -27.43 -0.04 -21.69
N LEU C 144 -28.20 0.28 -22.72
CA LEU C 144 -29.63 -0.01 -22.68
C LEU C 144 -29.88 -1.51 -22.45
N ASN C 145 -29.14 -2.36 -23.17
CA ASN C 145 -29.19 -3.81 -22.95
C ASN C 145 -28.90 -4.15 -21.49
N VAL C 146 -27.84 -3.56 -20.91
CA VAL C 146 -27.53 -3.80 -19.49
C VAL C 146 -28.72 -3.47 -18.62
N GLY C 147 -29.40 -2.35 -18.89
CA GLY C 147 -30.54 -1.97 -18.07
C GLY C 147 -31.68 -2.96 -18.16
N ASN C 148 -31.98 -3.38 -19.39
CA ASN C 148 -32.95 -4.45 -19.61
C ASN C 148 -32.54 -5.71 -18.87
N PHE C 149 -31.26 -6.05 -18.93
CA PHE C 149 -30.76 -7.30 -18.34
C PHE C 149 -30.87 -7.29 -16.82
N LEU C 150 -30.48 -6.20 -16.17
CA LEU C 150 -30.47 -6.17 -14.71
C LEU C 150 -31.88 -6.30 -14.15
N LEU C 151 -32.86 -5.64 -14.78
CA LEU C 151 -34.24 -5.80 -14.32
C LEU C 151 -34.75 -7.20 -14.59
N GLY C 152 -34.37 -7.78 -15.74
CA GLY C 152 -34.81 -9.12 -16.08
C GLY C 152 -34.31 -10.18 -15.11
N VAL C 153 -33.01 -10.16 -14.80
CA VAL C 153 -32.52 -11.19 -13.88
C VAL C 153 -33.09 -10.97 -12.48
N GLY C 154 -33.35 -9.73 -12.10
CA GLY C 154 -33.99 -9.48 -10.82
C GLY C 154 -35.38 -10.08 -10.76
N ALA C 155 -36.14 -9.93 -11.86
CA ALA C 155 -37.46 -10.55 -11.92
C ALA C 155 -37.38 -12.08 -11.92
N MET C 156 -36.26 -12.63 -12.39
CA MET C 156 -36.02 -14.06 -12.31
C MET C 156 -35.66 -14.55 -10.91
N GLY C 157 -35.50 -13.64 -9.95
CA GLY C 157 -35.02 -14.02 -8.63
C GLY C 157 -33.53 -14.17 -8.50
N LEU C 158 -32.76 -13.74 -9.49
CA LEU C 158 -31.31 -13.86 -9.46
C LEU C 158 -30.66 -12.58 -8.96
N ASP C 159 -29.52 -12.73 -8.30
CA ASP C 159 -28.74 -11.58 -7.88
C ASP C 159 -27.72 -11.22 -8.95
N ALA C 160 -27.33 -9.95 -8.99
CA ALA C 160 -26.37 -9.51 -9.99
C ALA C 160 -25.74 -8.22 -9.51
N VAL C 161 -24.68 -7.80 -10.20
CA VAL C 161 -24.11 -6.46 -10.01
C VAL C 161 -23.50 -5.99 -11.32
N PRO C 162 -23.84 -4.79 -11.79
CA PRO C 162 -23.15 -4.23 -12.96
C PRO C 162 -21.83 -3.61 -12.51
N ILE C 163 -20.79 -3.81 -13.32
CA ILE C 163 -19.43 -3.42 -12.93
C ILE C 163 -18.79 -2.63 -14.07
N GLU C 164 -18.46 -1.38 -13.81
CA GLU C 164 -17.58 -0.60 -14.66
C GLU C 164 -16.15 -0.59 -14.14
N GLY C 165 -15.93 -0.99 -12.89
CA GLY C 165 -14.60 -1.01 -12.33
C GLY C 165 -13.82 -2.24 -12.74
N PHE C 166 -13.28 -2.20 -13.96
CA PHE C 166 -12.48 -3.27 -14.52
C PHE C 166 -11.67 -2.66 -15.66
N ASP C 167 -10.56 -3.32 -15.98
CA ASP C 167 -9.64 -2.84 -17.01
C ASP C 167 -10.07 -3.47 -18.33
N ALA C 168 -10.75 -2.69 -19.17
CA ALA C 168 -11.26 -3.24 -20.43
C ALA C 168 -10.13 -3.63 -21.37
N ALA C 169 -8.98 -2.95 -21.30
CA ALA C 169 -7.86 -3.31 -22.17
C ALA C 169 -7.32 -4.69 -21.83
N ILE C 170 -7.30 -5.03 -20.53
CA ILE C 170 -6.88 -6.37 -20.14
C ILE C 170 -7.91 -7.40 -20.59
N LEU C 171 -9.19 -7.13 -20.33
CA LEU C 171 -10.25 -8.06 -20.72
C LEU C 171 -10.34 -8.23 -22.23
N ASP C 172 -10.22 -7.12 -22.97
CA ASP C 172 -10.23 -7.22 -24.43
C ASP C 172 -9.08 -8.09 -24.94
N GLU C 173 -7.88 -7.92 -24.37
CA GLU C 173 -6.75 -8.72 -24.77
C GLU C 173 -6.96 -10.19 -24.44
N GLU C 174 -7.54 -10.49 -23.28
CA GLU C 174 -7.68 -11.87 -22.83
C GLU C 174 -8.63 -12.65 -23.71
N PHE C 175 -9.63 -11.99 -24.29
CA PHE C 175 -10.59 -12.65 -25.16
C PHE C 175 -10.45 -12.24 -26.62
N GLY C 176 -9.35 -11.60 -26.99
CA GLY C 176 -9.10 -11.21 -28.38
C GLY C 176 -10.18 -10.36 -29.00
N LEU C 177 -10.80 -9.46 -28.22
CA LEU C 177 -11.97 -8.73 -28.70
C LEU C 177 -11.58 -7.68 -29.74
N LYS C 178 -10.45 -6.98 -29.53
CA LYS C 178 -10.08 -5.90 -30.45
C LYS C 178 -9.78 -6.43 -31.84
N GLU C 179 -9.14 -7.60 -31.94
CA GLU C 179 -8.88 -8.19 -33.25
C GLU C 179 -10.15 -8.47 -34.03
N LYS C 180 -11.31 -8.49 -33.36
CA LYS C 180 -12.59 -8.79 -33.99
C LYS C 180 -13.56 -7.62 -33.95
N GLY C 181 -13.09 -6.41 -33.66
CA GLY C 181 -13.95 -5.24 -33.71
C GLY C 181 -14.95 -5.10 -32.59
N PHE C 182 -14.61 -5.53 -31.38
CA PHE C 182 -15.46 -5.37 -30.21
C PHE C 182 -14.62 -4.89 -29.03
N THR C 183 -15.29 -4.27 -28.06
CA THR C 183 -14.64 -3.86 -26.82
C THR C 183 -15.62 -4.05 -25.66
N SER C 184 -15.10 -4.47 -24.52
CA SER C 184 -15.91 -4.73 -23.34
C SER C 184 -16.25 -3.43 -22.61
N LEU C 185 -17.49 -3.31 -22.15
CA LEU C 185 -17.99 -2.11 -21.49
C LEU C 185 -18.44 -2.35 -20.07
N VAL C 186 -19.22 -3.39 -19.81
CA VAL C 186 -19.77 -3.67 -18.49
C VAL C 186 -19.67 -5.15 -18.21
N VAL C 187 -19.28 -5.52 -16.99
CA VAL C 187 -19.22 -6.91 -16.56
C VAL C 187 -20.34 -7.11 -15.55
N VAL C 188 -21.16 -8.14 -15.77
CA VAL C 188 -22.28 -8.39 -14.86
C VAL C 188 -22.23 -9.81 -14.33
N PRO C 189 -21.65 -10.03 -13.15
CA PRO C 189 -21.80 -11.33 -12.47
C PRO C 189 -23.23 -11.55 -12.02
N VAL C 190 -23.72 -12.78 -12.21
CA VAL C 190 -25.10 -13.17 -11.91
C VAL C 190 -25.08 -14.44 -11.07
N GLY C 191 -25.96 -14.48 -10.07
CA GLY C 191 -26.00 -15.62 -9.18
C GLY C 191 -26.88 -15.38 -7.97
N HIS C 192 -26.37 -15.72 -6.78
CA HIS C 192 -27.09 -15.55 -5.54
C HIS C 192 -26.13 -14.99 -4.50
N HIS C 193 -26.61 -13.99 -3.74
CA HIS C 193 -25.72 -13.32 -2.81
C HIS C 193 -25.43 -14.22 -1.61
N SER C 194 -24.31 -13.96 -0.94
CA SER C 194 -23.92 -14.65 0.27
C SER C 194 -24.19 -13.76 1.48
N VAL C 195 -23.91 -14.28 2.66
CA VAL C 195 -24.09 -13.49 3.88
C VAL C 195 -23.16 -12.28 3.90
N GLU C 196 -22.01 -12.36 3.22
CA GLU C 196 -21.08 -11.23 3.21
C GLU C 196 -21.53 -10.09 2.30
N ASP C 197 -22.68 -10.22 1.64
CA ASP C 197 -23.22 -9.15 0.80
C ASP C 197 -23.84 -8.10 1.71
N PHE C 198 -23.01 -7.13 2.13
CA PHE C 198 -23.47 -6.07 3.03
C PHE C 198 -24.53 -5.17 2.40
N ASN C 199 -24.63 -5.16 1.07
CA ASN C 199 -25.61 -4.30 0.41
C ASN C 199 -27.00 -4.92 0.37
N ALA C 200 -27.12 -6.21 0.69
CA ALA C 200 -28.43 -6.87 0.65
C ALA C 200 -29.36 -6.36 1.74
N THR C 201 -28.82 -5.84 2.83
CA THR C 201 -29.63 -5.36 3.94
C THR C 201 -29.64 -3.84 4.06
N LEU C 202 -28.96 -3.11 3.16
CA LEU C 202 -29.00 -1.66 3.21
C LEU C 202 -30.21 -1.11 2.49
N PRO C 203 -30.78 -0.01 2.96
CA PRO C 203 -31.88 0.64 2.23
C PRO C 203 -31.41 1.16 0.89
N LYS C 204 -32.32 1.14 -0.09
CA LYS C 204 -32.03 1.75 -1.38
C LYS C 204 -32.09 3.27 -1.24
N SER C 205 -31.34 3.96 -2.09
CA SER C 205 -31.30 5.42 -2.04
C SER C 205 -31.40 5.99 -3.45
N ARG C 206 -32.35 6.89 -3.66
CA ARG C 206 -32.52 7.59 -4.92
C ARG C 206 -32.91 9.03 -4.63
N LEU C 207 -32.59 9.91 -5.58
CA LEU C 207 -33.02 11.30 -5.50
C LEU C 207 -34.55 11.38 -5.52
N PRO C 208 -35.14 12.43 -4.95
CA PRO C 208 -36.60 12.55 -4.94
C PRO C 208 -37.15 12.91 -6.32
N LEU C 209 -38.41 12.54 -6.54
CA LEU C 209 -39.10 12.89 -7.79
C LEU C 209 -39.17 14.40 -7.99
N SER C 210 -39.25 15.16 -6.90
CA SER C 210 -39.25 16.62 -7.05
C SER C 210 -37.97 17.13 -7.68
N THR C 211 -36.88 16.37 -7.59
CA THR C 211 -35.62 16.74 -8.23
C THR C 211 -35.53 16.25 -9.67
N ILE C 212 -35.90 14.98 -9.91
CA ILE C 212 -35.57 14.33 -11.18
C ILE C 212 -36.70 14.36 -12.21
N VAL C 213 -37.93 14.75 -11.83
CA VAL C 213 -39.07 14.69 -12.74
C VAL C 213 -39.72 16.07 -12.86
N THR C 214 -39.95 16.50 -14.09
CA THR C 214 -40.76 17.67 -14.40
C THR C 214 -42.03 17.19 -15.09
N GLU C 215 -43.18 17.46 -14.48
CA GLU C 215 -44.46 17.09 -15.08
C GLU C 215 -44.97 18.23 -15.95
N CYS C 216 -45.58 17.88 -17.08
CA CYS C 216 -46.23 18.89 -17.92
C CYS C 216 -47.32 18.30 -18.79
N ASP D 1 -43.81 -14.42 -16.27
CA ASP D 1 -42.40 -14.72 -16.51
C ASP D 1 -41.77 -13.63 -17.36
N ILE D 2 -40.60 -13.13 -16.94
CA ILE D 2 -40.04 -11.94 -17.58
C ILE D 2 -39.50 -12.25 -18.97
N ILE D 3 -39.10 -13.50 -19.24
CA ILE D 3 -38.67 -13.84 -20.59
C ILE D 3 -39.87 -13.81 -21.54
N SER D 4 -41.03 -14.26 -21.07
CA SER D 4 -42.25 -14.09 -21.86
C SER D 4 -42.50 -12.61 -22.18
N VAL D 5 -42.27 -11.73 -21.21
CA VAL D 5 -42.44 -10.29 -21.46
C VAL D 5 -41.48 -9.82 -22.54
N ALA D 6 -40.22 -10.23 -22.47
CA ALA D 6 -39.22 -9.78 -23.43
C ALA D 6 -39.56 -10.21 -24.85
N LEU D 7 -40.15 -11.39 -25.00
CA LEU D 7 -40.50 -11.89 -26.32
C LEU D 7 -41.81 -11.33 -26.85
N LYS D 8 -42.63 -10.70 -26.00
CA LYS D 8 -43.93 -10.19 -26.41
C LYS D 8 -43.96 -8.68 -26.56
N ARG D 9 -43.08 -7.95 -25.88
CA ARG D 9 -43.05 -6.50 -26.03
C ARG D 9 -42.51 -6.13 -27.41
N HIS D 10 -42.91 -4.95 -27.88
CA HIS D 10 -42.47 -4.47 -29.18
C HIS D 10 -42.49 -2.95 -29.17
N SER D 11 -41.82 -2.36 -30.14
CA SER D 11 -41.86 -0.91 -30.32
C SER D 11 -43.17 -0.53 -31.00
N THR D 12 -44.02 0.20 -30.29
CA THR D 12 -45.33 0.54 -30.79
C THR D 12 -45.24 1.68 -31.79
N LYS D 13 -45.85 1.50 -32.97
CA LYS D 13 -45.74 2.48 -34.03
C LYS D 13 -46.90 3.47 -34.07
N ALA D 14 -48.00 3.19 -33.36
CA ALA D 14 -49.14 4.09 -33.31
C ALA D 14 -49.90 3.86 -32.02
N PHE D 15 -50.31 4.94 -31.37
CA PHE D 15 -50.95 4.88 -30.07
C PHE D 15 -52.40 5.33 -30.15
N ASP D 16 -53.23 4.74 -29.29
CA ASP D 16 -54.64 5.11 -29.14
C ASP D 16 -54.73 6.33 -28.23
N ALA D 17 -55.16 7.47 -28.78
CA ALA D 17 -55.16 8.71 -28.01
C ALA D 17 -56.28 8.77 -26.98
N SER D 18 -57.20 7.81 -27.00
CA SER D 18 -58.28 7.80 -26.01
C SER D 18 -57.97 6.92 -24.80
N LYS D 19 -56.85 6.20 -24.81
CA LYS D 19 -56.54 5.25 -23.75
C LYS D 19 -55.43 5.85 -22.88
N LYS D 20 -55.77 6.18 -21.65
CA LYS D 20 -54.86 6.85 -20.74
C LYS D 20 -54.33 5.85 -19.71
N LEU D 21 -53.11 6.10 -19.23
CA LEU D 21 -52.64 5.39 -18.06
C LEU D 21 -53.57 5.66 -16.88
N THR D 22 -53.73 4.67 -16.01
CA THR D 22 -54.39 4.94 -14.75
C THR D 22 -53.49 5.79 -13.86
N ALA D 23 -54.08 6.33 -12.79
CA ALA D 23 -53.30 7.09 -11.81
C ALA D 23 -52.18 6.25 -11.23
N GLU D 24 -52.46 5.00 -10.87
CA GLU D 24 -51.42 4.13 -10.34
C GLU D 24 -50.34 3.86 -11.37
N GLU D 25 -50.71 3.64 -12.62
CA GLU D 25 -49.71 3.37 -13.66
C GLU D 25 -48.78 4.56 -13.84
N ALA D 26 -49.33 5.77 -13.84
CA ALA D 26 -48.50 6.97 -13.94
C ALA D 26 -47.51 7.07 -12.78
N GLU D 27 -47.97 6.73 -11.57
CA GLU D 27 -47.05 6.73 -10.43
C GLU D 27 -45.96 5.67 -10.61
N LYS D 28 -46.34 4.49 -11.09
CA LYS D 28 -45.39 3.40 -11.20
C LYS D 28 -44.33 3.67 -12.26
N ILE D 29 -44.69 4.35 -13.35
CA ILE D 29 -43.66 4.57 -14.36
C ILE D 29 -42.64 5.59 -13.86
N LYS D 30 -43.05 6.49 -12.97
CA LYS D 30 -42.07 7.41 -12.39
C LYS D 30 -41.18 6.69 -11.39
N THR D 31 -41.74 5.74 -10.63
CA THR D 31 -40.92 4.89 -9.78
C THR D 31 -39.85 4.15 -10.59
N LEU D 32 -40.21 3.66 -11.77
CA LEU D 32 -39.24 2.96 -12.63
C LEU D 32 -38.09 3.89 -13.02
N LEU D 33 -38.42 5.09 -13.49
CA LEU D 33 -37.39 6.08 -13.82
C LEU D 33 -36.49 6.35 -12.63
N GLN D 34 -37.10 6.48 -11.45
CA GLN D 34 -36.37 6.87 -10.25
C GLN D 34 -35.42 5.78 -9.77
N TYR D 35 -35.85 4.52 -9.80
CA TYR D 35 -35.11 3.47 -9.11
C TYR D 35 -34.18 2.68 -10.03
N SER D 36 -34.01 3.13 -11.27
CA SER D 36 -32.98 2.55 -12.12
C SER D 36 -31.61 2.67 -11.46
N PRO D 37 -30.76 1.66 -11.57
CA PRO D 37 -29.38 1.79 -11.08
C PRO D 37 -28.57 2.67 -12.04
N SER D 38 -27.40 3.06 -11.55
CA SER D 38 -26.46 3.86 -12.34
C SER D 38 -25.10 3.71 -11.68
N SER D 39 -24.06 3.98 -12.46
CA SER D 39 -22.69 3.87 -11.95
C SER D 39 -22.51 4.82 -10.77
N THR D 40 -22.02 4.28 -9.65
CA THR D 40 -21.82 5.00 -8.39
C THR D 40 -23.11 5.68 -7.90
N ASN D 41 -24.27 5.17 -8.32
CA ASN D 41 -25.56 5.76 -7.99
C ASN D 41 -25.61 7.25 -8.39
N SER D 42 -24.89 7.58 -9.46
CA SER D 42 -24.71 8.97 -9.88
C SER D 42 -26.01 9.62 -10.32
N GLN D 43 -26.99 8.83 -10.78
CA GLN D 43 -28.31 9.32 -11.13
C GLN D 43 -28.24 10.61 -11.96
N PRO D 44 -27.40 10.63 -13.08
CA PRO D 44 -27.07 11.91 -13.73
C PRO D 44 -28.13 12.31 -14.75
N TRP D 45 -29.37 12.45 -14.28
CA TRP D 45 -30.49 12.45 -15.21
C TRP D 45 -31.64 13.32 -14.73
N HIS D 46 -32.54 13.60 -15.66
CA HIS D 46 -33.78 14.30 -15.42
C HIS D 46 -34.78 13.81 -16.44
N PHE D 47 -36.06 13.82 -16.08
CA PHE D 47 -37.12 13.28 -16.92
C PHE D 47 -38.25 14.29 -17.06
N ILE D 48 -38.68 14.54 -18.29
CA ILE D 48 -39.89 15.30 -18.55
C ILE D 48 -41.00 14.29 -18.80
N VAL D 49 -42.05 14.34 -17.99
CA VAL D 49 -43.19 13.45 -18.13
C VAL D 49 -44.36 14.31 -18.59
N ALA D 50 -44.65 14.24 -19.89
CA ALA D 50 -45.72 15.02 -20.50
C ALA D 50 -46.98 14.17 -20.57
N SER D 51 -48.03 14.61 -19.88
CA SER D 51 -49.32 13.94 -19.93
C SER D 51 -50.45 14.83 -20.42
N THR D 52 -50.32 16.15 -20.33
CA THR D 52 -51.34 17.00 -20.91
C THR D 52 -51.15 17.06 -22.42
N GLU D 53 -52.22 17.48 -23.11
CA GLU D 53 -52.11 17.60 -24.56
C GLU D 53 -51.18 18.75 -24.95
N GLU D 54 -51.18 19.83 -24.17
CA GLU D 54 -50.24 20.92 -24.42
C GLU D 54 -48.80 20.47 -24.20
N GLY D 55 -48.57 19.69 -23.14
CA GLY D 55 -47.22 19.21 -22.88
C GLY D 55 -46.70 18.29 -23.97
N LYS D 56 -47.53 17.34 -24.41
CA LYS D 56 -47.09 16.43 -25.45
C LYS D 56 -46.88 17.17 -26.77
N ALA D 57 -47.73 18.17 -27.05
CA ALA D 57 -47.52 19.00 -28.24
C ALA D 57 -46.17 19.69 -28.21
N ARG D 58 -45.75 20.18 -27.03
CA ARG D 58 -44.44 20.81 -26.91
C ARG D 58 -43.33 19.80 -27.22
N VAL D 59 -43.43 18.59 -26.67
CA VAL D 59 -42.44 17.56 -26.99
C VAL D 59 -42.44 17.27 -28.47
N ALA D 60 -43.62 17.10 -29.07
CA ALA D 60 -43.72 16.68 -30.47
C ALA D 60 -43.18 17.70 -31.45
N LYS D 61 -42.98 18.96 -31.03
CA LYS D 61 -42.37 19.94 -31.94
C LYS D 61 -40.98 19.51 -32.38
N SER D 62 -40.29 18.70 -31.57
CA SER D 62 -38.95 18.25 -31.92
C SER D 62 -38.94 17.20 -33.01
N ALA D 63 -40.09 16.62 -33.35
CA ALA D 63 -40.20 15.61 -34.38
C ALA D 63 -40.69 16.18 -35.71
N ALA D 64 -40.61 17.50 -35.90
CA ALA D 64 -40.98 18.09 -37.18
C ALA D 64 -39.97 17.73 -38.26
N GLY D 65 -40.35 17.98 -39.51
CA GLY D 65 -39.47 17.78 -40.64
C GLY D 65 -39.04 16.35 -40.88
N THR D 66 -37.74 16.09 -40.73
CA THR D 66 -37.20 14.77 -41.08
C THR D 66 -37.71 13.67 -40.16
N TYR D 67 -38.24 14.02 -38.99
CA TYR D 67 -38.67 13.03 -38.01
C TYR D 67 -40.19 12.94 -37.89
N VAL D 68 -40.92 13.42 -38.91
CA VAL D 68 -42.37 13.55 -38.81
C VAL D 68 -43.04 12.21 -38.54
N PHE D 69 -42.44 11.10 -38.97
CA PHE D 69 -43.04 9.80 -38.72
C PHE D 69 -43.11 9.46 -37.23
N ASN D 70 -42.32 10.14 -36.39
CA ASN D 70 -42.40 9.96 -34.95
C ASN D 70 -43.33 10.94 -34.28
N GLU D 71 -43.87 11.92 -35.00
CA GLU D 71 -44.62 12.99 -34.35
C GLU D 71 -45.94 12.48 -33.79
N ARG D 72 -46.68 11.69 -34.57
CA ARG D 72 -47.99 11.23 -34.12
C ARG D 72 -47.86 10.37 -32.87
N LYS D 73 -46.84 9.50 -32.84
CA LYS D 73 -46.54 8.69 -31.65
C LYS D 73 -46.49 9.55 -30.39
N MET D 74 -45.82 10.70 -30.47
CA MET D 74 -45.73 11.59 -29.31
C MET D 74 -47.06 12.27 -29.00
N LEU D 75 -47.84 12.61 -30.04
CA LEU D 75 -49.12 13.26 -29.80
C LEU D 75 -50.17 12.30 -29.27
N ASP D 76 -50.04 11.00 -29.58
CA ASP D 76 -51.14 10.08 -29.34
C ASP D 76 -50.99 9.27 -28.06
N ALA D 77 -49.77 9.07 -27.56
CA ALA D 77 -49.59 8.30 -26.34
C ALA D 77 -50.21 9.02 -25.15
N SER D 78 -50.49 8.25 -24.10
CA SER D 78 -50.97 8.84 -22.85
C SER D 78 -49.90 9.70 -22.19
N HIS D 79 -48.70 9.15 -22.01
CA HIS D 79 -47.61 9.82 -21.31
C HIS D 79 -46.36 9.70 -22.16
N VAL D 80 -45.61 10.80 -22.28
CA VAL D 80 -44.39 10.85 -23.06
C VAL D 80 -43.25 11.23 -22.13
N VAL D 81 -42.27 10.34 -21.99
CA VAL D 81 -41.13 10.59 -21.12
C VAL D 81 -39.94 11.01 -21.98
N VAL D 82 -39.37 12.17 -21.66
CA VAL D 82 -38.12 12.62 -22.26
C VAL D 82 -37.00 12.27 -21.29
N PHE D 83 -36.09 11.39 -21.72
CA PHE D 83 -34.90 11.06 -20.93
C PHE D 83 -33.80 12.08 -21.21
N CYS D 84 -33.28 12.69 -20.14
CA CYS D 84 -32.26 13.72 -20.23
C CYS D 84 -31.06 13.33 -19.37
N ALA D 85 -29.86 13.59 -19.89
CA ALA D 85 -28.64 13.44 -19.12
C ALA D 85 -28.05 14.79 -18.74
N LYS D 86 -27.30 14.84 -17.65
CA LYS D 86 -26.49 16.01 -17.35
C LYS D 86 -25.44 16.21 -18.43
N THR D 87 -25.12 17.47 -18.71
CA THR D 87 -24.10 17.79 -19.71
C THR D 87 -22.70 17.86 -19.12
N ALA D 88 -22.58 17.96 -17.80
CA ALA D 88 -21.29 17.94 -17.15
C ALA D 88 -21.47 17.41 -15.72
N MET D 89 -20.56 16.57 -15.26
CA MET D 89 -20.60 16.14 -13.86
C MET D 89 -19.84 17.15 -13.00
N ASP D 90 -20.50 17.62 -11.94
CA ASP D 90 -19.94 18.64 -11.06
C ASP D 90 -19.98 18.14 -9.63
N ASP D 91 -19.17 18.80 -8.78
CA ASP D 91 -19.05 18.35 -7.40
C ASP D 91 -20.33 18.60 -6.62
N ALA D 92 -21.11 19.63 -7.02
CA ALA D 92 -22.39 19.88 -6.37
C ALA D 92 -23.30 18.67 -6.50
N TRP D 93 -23.34 18.06 -7.68
CA TRP D 93 -24.19 16.89 -7.90
C TRP D 93 -23.68 15.69 -7.14
N LEU D 94 -22.35 15.47 -7.13
CA LEU D 94 -21.80 14.37 -6.36
C LEU D 94 -22.16 14.50 -4.88
N GLU D 95 -22.16 15.74 -4.36
CA GLU D 95 -22.54 15.96 -2.97
C GLU D 95 -24.02 15.68 -2.75
N ARG D 96 -24.86 16.08 -3.69
CA ARG D 96 -26.30 15.81 -3.58
C ARG D 96 -26.56 14.31 -3.52
N VAL D 97 -25.82 13.54 -4.31
CA VAL D 97 -26.01 12.09 -4.34
C VAL D 97 -25.63 11.46 -3.01
N VAL D 98 -24.43 11.77 -2.51
CA VAL D 98 -23.98 11.11 -1.28
C VAL D 98 -24.77 11.60 -0.07
N ASP D 99 -25.18 12.88 -0.06
CA ASP D 99 -25.98 13.36 1.06
C ASP D 99 -27.35 12.69 1.10
N GLN D 100 -27.90 12.36 -0.06
CA GLN D 100 -29.15 11.60 -0.09
C GLN D 100 -28.93 10.18 0.44
N GLU D 101 -27.84 9.53 0.03
CA GLU D 101 -27.54 8.20 0.55
C GLU D 101 -27.36 8.23 2.06
N GLU D 102 -26.73 9.29 2.58
CA GLU D 102 -26.59 9.44 4.03
C GLU D 102 -27.95 9.58 4.70
N ALA D 103 -28.83 10.42 4.13
CA ALA D 103 -30.16 10.62 4.71
C ALA D 103 -30.95 9.33 4.72
N ASP D 104 -30.78 8.51 3.68
CA ASP D 104 -31.51 7.26 3.56
C ASP D 104 -30.95 6.15 4.43
N GLY D 105 -29.82 6.39 5.11
CA GLY D 105 -29.29 5.41 6.04
C GLY D 105 -28.35 4.38 5.46
N ARG D 106 -27.62 4.70 4.39
CA ARG D 106 -26.75 3.74 3.76
C ARG D 106 -25.36 3.64 4.39
N PHE D 107 -24.99 4.58 5.27
CA PHE D 107 -23.66 4.59 5.89
C PHE D 107 -23.82 4.36 7.40
N ASN D 108 -23.19 3.30 7.90
CA ASN D 108 -23.23 2.97 9.32
C ASN D 108 -22.03 3.53 10.08
N THR D 109 -20.98 3.95 9.39
CA THR D 109 -19.81 4.53 10.02
C THR D 109 -19.33 5.71 9.19
N PRO D 110 -18.69 6.70 9.82
CA PRO D 110 -18.15 7.83 9.04
C PRO D 110 -17.16 7.39 7.98
N GLU D 111 -16.40 6.32 8.23
CA GLU D 111 -15.49 5.79 7.21
C GLU D 111 -16.25 5.28 5.99
N ALA D 112 -17.48 4.79 6.18
CA ALA D 112 -18.26 4.31 5.04
C ALA D 112 -18.63 5.45 4.09
N LYS D 113 -19.06 6.60 4.63
CA LYS D 113 -19.35 7.73 3.77
C LYS D 113 -18.10 8.23 3.08
N ALA D 114 -17.00 8.37 3.83
CA ALA D 114 -15.77 8.90 3.25
C ALA D 114 -15.24 8.01 2.14
N ALA D 115 -15.28 6.69 2.33
CA ALA D 115 -14.83 5.78 1.27
C ALA D 115 -15.77 5.83 0.07
N ASN D 116 -17.09 5.88 0.33
CA ASN D 116 -18.04 6.01 -0.77
C ASN D 116 -17.81 7.29 -1.55
N HIS D 117 -17.55 8.40 -0.84
CA HIS D 117 -17.28 9.66 -1.50
C HIS D 117 -15.97 9.62 -2.28
N LYS D 118 -14.90 9.18 -1.61
CA LYS D 118 -13.61 9.13 -2.28
C LYS D 118 -13.67 8.21 -3.49
N GLY D 119 -14.33 7.05 -3.35
CA GLY D 119 -14.47 6.14 -4.47
C GLY D 119 -15.26 6.73 -5.62
N ARG D 120 -16.37 7.42 -5.32
CA ARG D 120 -17.16 8.04 -6.39
C ARG D 120 -16.40 9.17 -7.07
N THR D 121 -15.70 9.99 -6.29
CA THR D 121 -15.02 11.13 -6.90
C THR D 121 -13.84 10.65 -7.76
N TYR D 122 -13.14 9.60 -7.32
CA TYR D 122 -12.05 9.05 -8.11
C TYR D 122 -12.55 8.61 -9.48
N PHE D 123 -13.63 7.83 -9.52
CA PHE D 123 -14.14 7.34 -10.80
C PHE D 123 -14.74 8.46 -11.63
N ALA D 124 -15.43 9.42 -11.00
CA ALA D 124 -16.00 10.53 -11.75
C ALA D 124 -14.92 11.43 -12.32
N ASP D 125 -13.86 11.69 -11.56
CA ASP D 125 -12.76 12.51 -12.06
C ASP D 125 -11.97 11.81 -13.15
N MET D 126 -11.93 10.47 -13.12
CA MET D 126 -11.33 9.74 -14.23
C MET D 126 -12.04 10.06 -15.54
N HIS D 127 -13.36 10.23 -15.49
CA HIS D 127 -14.11 10.63 -16.68
C HIS D 127 -14.02 12.13 -16.93
N ARG D 128 -14.05 12.93 -15.86
CA ARG D 128 -14.06 14.37 -16.04
C ARG D 128 -12.71 14.90 -16.52
N VAL D 129 -11.61 14.37 -15.99
CA VAL D 129 -10.30 14.97 -16.15
C VAL D 129 -9.40 14.12 -17.04
N ASP D 130 -9.40 12.80 -16.86
CA ASP D 130 -8.48 11.95 -17.61
C ASP D 130 -9.05 11.58 -18.99
N LEU D 131 -10.25 11.01 -19.01
CA LEU D 131 -10.88 10.64 -20.27
C LEU D 131 -11.62 11.79 -20.93
N LYS D 132 -11.96 12.84 -20.17
CA LYS D 132 -12.71 13.98 -20.69
C LYS D 132 -14.00 13.55 -21.39
N ASP D 133 -14.67 12.55 -20.82
CA ASP D 133 -15.86 11.98 -21.45
C ASP D 133 -17.01 11.85 -20.46
N ASP D 134 -17.05 12.71 -19.44
CA ASP D 134 -18.09 12.56 -18.43
C ASP D 134 -19.47 12.75 -19.04
N ASP D 135 -19.56 13.56 -20.10
CA ASP D 135 -20.83 13.73 -20.80
C ASP D 135 -21.29 12.41 -21.40
N GLN D 136 -20.38 11.63 -21.99
CA GLN D 136 -20.75 10.35 -22.58
C GLN D 136 -21.05 9.31 -21.50
N TRP D 137 -20.26 9.32 -20.43
CA TRP D 137 -20.45 8.38 -19.33
C TRP D 137 -21.83 8.55 -18.71
N MET D 138 -22.25 9.79 -18.50
CA MET D 138 -23.55 10.04 -17.92
C MET D 138 -24.66 9.66 -18.88
N ALA D 139 -24.48 9.97 -20.18
CA ALA D 139 -25.48 9.59 -21.17
C ALA D 139 -25.66 8.08 -21.19
N LYS D 140 -24.59 7.33 -20.97
CA LYS D 140 -24.74 5.87 -20.96
C LYS D 140 -25.58 5.42 -19.79
N GLN D 141 -25.44 6.08 -18.64
CA GLN D 141 -26.32 5.78 -17.50
C GLN D 141 -27.77 6.03 -17.84
N VAL D 142 -28.06 7.07 -18.64
CA VAL D 142 -29.45 7.36 -19.00
C VAL D 142 -29.99 6.28 -19.94
N TYR D 143 -29.16 5.76 -20.83
CA TYR D 143 -29.61 4.70 -21.75
C TYR D 143 -29.87 3.40 -21.00
N LEU D 144 -29.07 3.13 -19.97
CA LEU D 144 -29.36 2.00 -19.09
C LEU D 144 -30.71 2.18 -18.42
N ASN D 145 -31.01 3.41 -17.99
CA ASN D 145 -32.34 3.70 -17.44
C ASN D 145 -33.43 3.39 -18.46
N VAL D 146 -33.23 3.82 -19.72
CA VAL D 146 -34.20 3.52 -20.78
C VAL D 146 -34.43 2.02 -20.89
N GLY D 147 -33.36 1.24 -20.92
CA GLY D 147 -33.52 -0.22 -21.01
C GLY D 147 -34.30 -0.80 -19.84
N ASN D 148 -33.97 -0.36 -18.62
CA ASN D 148 -34.79 -0.73 -17.46
C ASN D 148 -36.25 -0.35 -17.69
N PHE D 149 -36.48 0.87 -18.17
CA PHE D 149 -37.84 1.41 -18.30
C PHE D 149 -38.67 0.60 -19.29
N LEU D 150 -38.10 0.29 -20.46
CA LEU D 150 -38.88 -0.38 -21.50
C LEU D 150 -39.32 -1.75 -21.06
N LEU D 151 -38.45 -2.49 -20.37
CA LEU D 151 -38.86 -3.81 -19.88
C LEU D 151 -39.89 -3.66 -18.76
N GLY D 152 -39.70 -2.68 -17.88
CA GLY D 152 -40.65 -2.49 -16.79
C GLY D 152 -42.05 -2.16 -17.28
N VAL D 153 -42.15 -1.21 -18.22
CA VAL D 153 -43.49 -0.87 -18.72
C VAL D 153 -44.08 -2.00 -19.54
N GLY D 154 -43.23 -2.79 -20.21
CA GLY D 154 -43.72 -3.98 -20.89
C GLY D 154 -44.31 -4.98 -19.91
N ALA D 155 -43.62 -5.20 -18.79
CA ALA D 155 -44.14 -6.06 -17.72
C ALA D 155 -45.38 -5.49 -17.07
N MET D 156 -45.58 -4.17 -17.13
CA MET D 156 -46.82 -3.57 -16.64
C MET D 156 -48.00 -3.75 -17.59
N GLY D 157 -47.78 -4.29 -18.79
CA GLY D 157 -48.83 -4.39 -19.78
C GLY D 157 -49.09 -3.12 -20.57
N LEU D 158 -48.14 -2.18 -20.55
CA LEU D 158 -48.25 -0.93 -21.29
C LEU D 158 -47.44 -1.02 -22.58
N ASP D 159 -47.90 -0.31 -23.60
CA ASP D 159 -47.14 -0.20 -24.83
C ASP D 159 -46.24 1.03 -24.78
N ALA D 160 -45.14 0.98 -25.54
CA ALA D 160 -44.15 2.05 -25.52
C ALA D 160 -43.28 1.93 -26.75
N VAL D 161 -42.57 3.01 -27.07
CA VAL D 161 -41.58 2.98 -28.15
C VAL D 161 -40.45 3.93 -27.79
N PRO D 162 -39.20 3.48 -27.80
CA PRO D 162 -38.07 4.41 -27.62
C PRO D 162 -37.73 5.11 -28.92
N ILE D 163 -37.44 6.41 -28.83
CA ILE D 163 -37.29 7.25 -30.01
C ILE D 163 -36.01 8.07 -29.88
N GLU D 164 -35.08 7.85 -30.81
CA GLU D 164 -33.97 8.75 -31.04
C GLU D 164 -34.23 9.68 -32.23
N GLY D 165 -35.29 9.40 -32.99
CA GLY D 165 -35.65 10.19 -34.15
C GLY D 165 -36.39 11.47 -33.78
N PHE D 166 -35.63 12.42 -33.24
CA PHE D 166 -36.16 13.72 -32.86
C PHE D 166 -35.00 14.69 -32.84
N ASP D 167 -35.32 15.99 -32.91
CA ASP D 167 -34.32 17.05 -32.91
C ASP D 167 -34.04 17.47 -31.46
N ALA D 168 -32.87 17.06 -30.95
CA ALA D 168 -32.54 17.31 -29.55
C ALA D 168 -32.33 18.79 -29.28
N ALA D 169 -31.78 19.54 -30.24
CA ALA D 169 -31.59 20.98 -30.03
C ALA D 169 -32.95 21.68 -29.89
N ILE D 170 -33.92 21.29 -30.71
CA ILE D 170 -35.25 21.88 -30.60
C ILE D 170 -35.90 21.52 -29.27
N LEU D 171 -35.84 20.25 -28.89
CA LEU D 171 -36.44 19.83 -27.63
C LEU D 171 -35.75 20.46 -26.43
N ASP D 172 -34.41 20.54 -26.45
CA ASP D 172 -33.69 21.21 -25.36
C ASP D 172 -34.15 22.65 -25.22
N GLU D 173 -34.28 23.38 -26.34
CA GLU D 173 -34.67 24.78 -26.26
C GLU D 173 -36.11 24.93 -25.80
N GLU D 174 -36.98 24.00 -26.19
CA GLU D 174 -38.39 24.08 -25.81
C GLU D 174 -38.56 24.04 -24.30
N PHE D 175 -37.71 23.27 -23.60
CA PHE D 175 -37.81 23.11 -22.16
C PHE D 175 -36.65 23.77 -21.41
N GLY D 176 -35.86 24.61 -22.07
CA GLY D 176 -34.76 25.29 -21.39
C GLY D 176 -33.78 24.37 -20.70
N LEU D 177 -33.46 23.23 -21.33
CA LEU D 177 -32.66 22.22 -20.66
C LEU D 177 -31.18 22.60 -20.60
N LYS D 178 -30.66 23.26 -21.65
CA LYS D 178 -29.23 23.59 -21.65
C LYS D 178 -28.85 24.52 -20.50
N GLU D 179 -29.68 25.55 -20.24
CA GLU D 179 -29.42 26.46 -19.13
C GLU D 179 -29.45 25.72 -17.79
N LYS D 180 -30.24 24.66 -17.69
CA LYS D 180 -30.35 23.86 -16.49
C LYS D 180 -29.30 22.75 -16.43
N GLY D 181 -28.47 22.60 -17.45
CA GLY D 181 -27.42 21.60 -17.44
C GLY D 181 -27.82 20.23 -17.92
N PHE D 182 -28.84 20.12 -18.77
CA PHE D 182 -29.30 18.83 -19.26
C PHE D 182 -29.48 18.84 -20.77
N THR D 183 -29.58 17.64 -21.34
CA THR D 183 -29.83 17.51 -22.76
C THR D 183 -30.67 16.26 -23.01
N SER D 184 -31.65 16.38 -23.90
CA SER D 184 -32.57 15.29 -24.18
C SER D 184 -31.89 14.22 -25.03
N LEU D 185 -32.12 12.95 -24.68
CA LEU D 185 -31.48 11.84 -25.37
C LEU D 185 -32.46 10.91 -26.05
N VAL D 186 -33.51 10.49 -25.35
CA VAL D 186 -34.46 9.51 -25.87
C VAL D 186 -35.85 9.94 -25.42
N VAL D 187 -36.81 9.84 -26.33
CA VAL D 187 -38.20 10.16 -26.04
C VAL D 187 -38.97 8.86 -26.04
N VAL D 188 -39.74 8.61 -24.99
CA VAL D 188 -40.47 7.35 -24.94
C VAL D 188 -41.96 7.59 -24.71
N PRO D 189 -42.77 7.58 -25.76
CA PRO D 189 -44.22 7.56 -25.56
C PRO D 189 -44.66 6.25 -24.92
N VAL D 190 -45.63 6.35 -24.01
CA VAL D 190 -46.15 5.22 -23.26
C VAL D 190 -47.67 5.27 -23.28
N GLY D 191 -48.31 4.11 -23.49
CA GLY D 191 -49.75 4.06 -23.49
C GLY D 191 -50.28 2.73 -23.98
N HIS D 192 -51.24 2.77 -24.91
CA HIS D 192 -51.79 1.58 -25.51
C HIS D 192 -51.86 1.77 -27.01
N HIS D 193 -51.49 0.73 -27.76
CA HIS D 193 -51.37 0.89 -29.20
C HIS D 193 -52.74 1.00 -29.85
N SER D 194 -52.73 1.49 -31.08
CA SER D 194 -53.93 1.64 -31.90
C SER D 194 -53.91 0.64 -33.03
N VAL D 195 -54.99 0.64 -33.82
CA VAL D 195 -55.07 -0.24 -34.98
C VAL D 195 -53.95 0.03 -35.97
N GLU D 196 -53.37 1.24 -35.95
CA GLU D 196 -52.32 1.55 -36.93
C GLU D 196 -50.95 1.06 -36.49
N ASP D 197 -50.85 0.36 -35.36
CA ASP D 197 -49.56 -0.18 -34.91
C ASP D 197 -49.31 -1.47 -35.68
N PHE D 198 -48.74 -1.32 -36.88
CA PHE D 198 -48.44 -2.45 -37.74
C PHE D 198 -47.40 -3.37 -37.12
N ASN D 199 -46.58 -2.85 -36.20
CA ASN D 199 -45.52 -3.64 -35.58
C ASN D 199 -46.05 -4.60 -34.52
N ALA D 200 -47.30 -4.43 -34.09
CA ALA D 200 -47.85 -5.32 -33.08
C ALA D 200 -48.04 -6.74 -33.59
N THR D 201 -48.22 -6.90 -34.91
CA THR D 201 -48.45 -8.22 -35.48
C THR D 201 -47.23 -8.77 -36.22
N LEU D 202 -46.15 -8.00 -36.32
CA LEU D 202 -44.96 -8.49 -37.01
C LEU D 202 -44.14 -9.36 -36.06
N PRO D 203 -43.54 -10.43 -36.57
CA PRO D 203 -42.63 -11.22 -35.73
C PRO D 203 -41.42 -10.39 -35.31
N LYS D 204 -40.93 -10.64 -34.10
CA LYS D 204 -39.67 -10.05 -33.70
C LYS D 204 -38.53 -10.67 -34.50
N SER D 205 -37.40 -9.97 -34.52
CA SER D 205 -36.21 -10.42 -35.24
C SER D 205 -34.97 -10.00 -34.47
N ARG D 206 -34.10 -10.97 -34.16
CA ARG D 206 -32.81 -10.69 -33.58
C ARG D 206 -31.78 -11.57 -34.26
N LEU D 207 -30.53 -11.12 -34.28
CA LEU D 207 -29.43 -11.96 -34.69
C LEU D 207 -29.39 -13.24 -33.83
N PRO D 208 -28.97 -14.36 -34.39
CA PRO D 208 -29.03 -15.62 -33.64
C PRO D 208 -27.99 -15.71 -32.54
N LEU D 209 -28.33 -16.47 -31.49
CA LEU D 209 -27.38 -16.65 -30.38
C LEU D 209 -26.03 -17.17 -30.86
N SER D 210 -26.01 -17.95 -31.94
CA SER D 210 -24.74 -18.47 -32.48
C SER D 210 -23.81 -17.34 -32.93
N THR D 211 -24.36 -16.17 -33.24
CA THR D 211 -23.57 -15.00 -33.61
C THR D 211 -23.18 -14.16 -32.39
N ILE D 212 -24.12 -13.89 -31.49
CA ILE D 212 -23.93 -12.82 -30.52
C ILE D 212 -23.41 -13.29 -29.17
N VAL D 213 -23.41 -14.59 -28.89
CA VAL D 213 -23.05 -15.10 -27.56
C VAL D 213 -21.87 -16.06 -27.70
N THR D 214 -20.87 -15.88 -26.85
CA THR D 214 -19.76 -16.80 -26.69
C THR D 214 -19.82 -17.37 -25.28
N GLU D 215 -19.97 -18.70 -25.16
CA GLU D 215 -20.00 -19.34 -23.85
C GLU D 215 -18.59 -19.80 -23.47
N CYS D 216 -18.22 -19.55 -22.23
CA CYS D 216 -16.87 -19.82 -21.74
C CYS D 216 -16.92 -20.38 -20.33
N1 FMN E . 45.06 -2.19 23.83
C2 FMN E . 45.94 -3.21 24.07
O2 FMN E . 46.77 -3.08 24.99
N3 FMN E . 45.99 -4.42 23.36
C4 FMN E . 45.10 -4.56 22.39
O4 FMN E . 45.10 -5.61 21.75
C4A FMN E . 44.15 -3.53 22.10
N5 FMN E . 43.23 -3.77 21.18
C5A FMN E . 42.17 -2.93 21.12
C6 FMN E . 41.04 -3.33 20.40
C7 FMN E . 39.87 -2.56 20.42
C7M FMN E . 38.65 -3.03 19.68
C8 FMN E . 39.85 -1.36 21.15
C8M FMN E . 38.61 -0.51 21.20
C9 FMN E . 40.99 -0.96 21.85
C9A FMN E . 42.14 -1.74 21.85
N10 FMN E . 43.23 -1.42 22.62
C10 FMN E . 44.19 -2.37 22.87
C1' FMN E . 43.28 -0.16 23.37
C2' FMN E . 43.39 1.09 22.51
O2' FMN E . 44.75 1.36 22.16
C3' FMN E . 42.79 2.28 23.25
O3' FMN E . 41.38 2.06 23.35
C4' FMN E . 43.00 3.64 22.57
O4' FMN E . 44.40 3.90 22.45
C5' FMN E . 42.31 4.76 23.30
O5' FMN E . 42.79 4.84 24.66
P FMN E . 41.91 4.57 25.97
O1P FMN E . 41.21 3.22 25.84
O2P FMN E . 40.90 5.69 26.06
O3P FMN E . 42.86 4.66 27.16
PN DND F . 50.82 -2.73 22.15
O11 DND F . 52.23 -2.49 21.78
O12 DND F . 50.00 -1.45 21.91
O3P DND F . 50.72 -3.11 23.69
O5D DND F . 50.12 -3.96 21.38
C5D DND F . 50.32 -5.31 21.85
C4D DND F . 49.87 -6.29 20.80
O4D DND F . 48.47 -6.10 20.51
C3D DND F . 50.59 -6.18 19.45
O3D DND F . 50.78 -7.48 18.87
C2D DND F . 49.62 -5.33 18.62
O2D DND F . 49.73 -5.58 17.22
C1D DND F . 48.29 -5.82 19.15
N1N DND F . 47.16 -4.81 19.02
C6N DND F . 46.15 -5.13 18.20
C5N DND F . 45.07 -4.28 18.07
C4N DND F . 45.07 -3.09 18.78
C3N DND F . 46.13 -2.76 19.62
C2N DND F . 47.18 -3.66 19.72
C7N DND F . 46.13 -1.51 20.41
O7N DND F . 47.06 -1.20 21.13
O8N DND F . 45.06 -0.77 20.26
PA DND F . 51.16 -2.37 25.04
O13 DND F . 50.57 -1.01 25.08
O14 DND F . 50.64 -3.20 26.22
O5B DND F . 52.75 -2.35 25.12
C5B DND F . 53.53 -2.03 26.30
C4B DND F . 54.87 -1.48 25.87
O4B DND F . 54.67 -0.35 24.99
C3B DND F . 55.75 -0.97 27.02
O3B DND F . 57.12 -1.23 26.75
C2B DND F . 55.43 0.52 27.03
O2B DND F . 56.51 1.29 27.56
C1B DND F . 55.26 0.82 25.54
N9A DND F . 54.38 1.94 25.26
C4A DND F . 54.50 3.24 25.73
N3A DND F . 55.45 3.71 26.55
C2A DND F . 55.25 5.02 26.78
N1A DND F . 54.29 5.82 26.33
C6A DND F . 53.34 5.30 25.50
C5A DND F . 53.44 3.93 25.17
N7A DND F . 52.66 3.11 24.37
C8A DND F . 53.26 1.94 24.46
N6A DND F . 52.39 6.11 25.05
PN DND G . 10.19 -1.06 13.24
O11 DND G . 8.94 -1.29 12.47
O12 DND G . 10.52 -2.28 14.10
O3P DND G . 10.05 0.21 14.20
O5D DND G . 11.46 -0.69 12.30
C5D DND G . 11.41 0.46 11.44
C4D DND G . 12.32 0.22 10.27
O4D DND G . 13.68 0.06 10.74
C3D DND G . 12.00 -1.02 9.44
O3D DND G . 12.21 -0.78 8.05
C2D DND G . 13.00 -2.06 9.98
O2D DND G . 13.38 -3.02 9.00
C1D DND G . 14.19 -1.18 10.33
N1N DND G . 15.04 -1.73 11.45
C6N DND G . 16.32 -1.99 11.15
C5N DND G . 17.18 -2.45 12.14
C4N DND G . 16.70 -2.63 13.42
C3N DND G . 15.36 -2.36 13.71
C2N DND G . 14.54 -1.90 12.69
C7N DND G . 14.83 -2.56 15.08
O7N DND G . 13.66 -2.33 15.37
O8N DND G . 15.70 -2.99 15.93
PA DND G . 9.06 0.59 15.39
O13 DND G . 9.46 -0.13 16.62
O14 DND G . 9.15 2.11 15.60
O5B DND G . 7.57 0.30 14.84
C5B DND G . 6.40 1.08 15.15
C4B DND G . 5.23 0.13 15.34
O4B DND G . 5.73 -1.13 15.85
C3B DND G . 4.17 0.62 16.34
O3B DND G . 2.89 0.72 15.74
C2B DND G . 4.21 -0.41 17.48
O2B DND G . 2.90 -0.76 17.92
C1B DND G . 4.87 -1.62 16.84
N9A DND G . 5.66 -2.42 17.77
C4A DND G . 5.26 -2.99 18.95
N3A DND G . 4.03 -2.94 19.50
C2A DND G . 4.00 -3.61 20.65
N1A DND G . 4.98 -4.28 21.25
C6A DND G . 6.20 -4.32 20.67
C5A DND G . 6.37 -3.65 19.46
N7A DND G . 7.46 -3.48 18.62
C8A DND G . 6.99 -2.74 17.63
N6A DND G . 7.18 -4.99 21.30
N1 FMN H . 15.03 0.70 16.71
C2 FMN H . 14.29 1.42 15.81
O2 FMN H . 13.23 1.93 16.18
N3 FMN H . 14.64 1.63 14.45
C4 FMN H . 15.79 1.07 14.06
O4 FMN H . 16.12 1.21 12.88
C4A FMN H . 16.61 0.34 14.97
N5 FMN H . 17.78 -0.07 14.55
C5A FMN H . 18.68 -0.48 15.48
C6 FMN H . 20.02 -0.62 15.12
C7 FMN H . 20.99 -0.93 16.08
C7M FMN H . 22.44 -1.03 15.66
C8 FMN H . 20.61 -1.11 17.42
C8M FMN H . 21.63 -1.37 18.49
C9 FMN H . 19.27 -1.00 17.78
C9A FMN H . 18.31 -0.67 16.82
N10 FMN H . 17.01 -0.44 17.16
C10 FMN H . 16.16 0.19 16.28
C1' FMN H . 16.54 -0.66 18.54
C2' FMN H . 16.50 -2.13 18.98
O2' FMN H . 15.26 -2.75 18.61
C3' FMN H . 16.68 -2.19 20.50
O3' FMN H . 18.00 -1.71 20.78
C4' FMN H . 16.52 -3.59 21.07
O4' FMN H . 15.20 -4.06 20.78
C5' FMN H . 16.79 -3.65 22.56
O5' FMN H . 15.92 -2.73 23.26
P FMN H . 16.43 -1.40 24.02
O1P FMN H . 17.28 -0.56 23.10
O2P FMN H . 17.19 -1.90 25.24
O3P FMN H . 15.14 -0.73 24.46
N1 FMN I . -21.00 -1.66 -8.20
C2 FMN I . -19.81 -2.29 -7.91
O2 FMN I . -19.72 -2.94 -6.87
N3 FMN I . -18.66 -2.26 -8.72
C4 FMN I . -18.76 -1.55 -9.85
O4 FMN I . -17.76 -1.45 -10.55
C4A FMN I . -19.99 -0.90 -10.21
N5 FMN I . -20.05 -0.33 -11.38
C5A FMN I . -21.27 0.04 -11.85
C6 FMN I . -21.42 0.38 -13.19
C7 FMN I . -22.68 0.63 -13.74
C7M FMN I . -22.82 0.95 -15.20
C8 FMN I . -23.82 0.56 -12.91
C8M FMN I . -25.20 0.76 -13.46
C9 FMN I . -23.67 0.27 -11.55
C9A FMN I . -22.41 0.00 -11.02
N10 FMN I . -22.24 -0.43 -9.73
C10 FMN I . -21.06 -1.00 -9.33
C1' FMN I . -23.40 -0.47 -8.81
C2' FMN I . -23.92 0.89 -8.38
O2' FMN I . -23.21 1.39 -7.25
C3' FMN I . -25.41 0.76 -8.03
O3' FMN I . -26.10 0.38 -9.22
C4' FMN I . -26.07 2.02 -7.46
O4' FMN I . -25.45 2.37 -6.22
C5' FMN I . -27.57 1.82 -7.25
O5' FMN I . -27.76 0.72 -6.34
P FMN I . -28.51 -0.65 -6.71
O1P FMN I . -27.87 -1.26 -7.93
O2P FMN I . -29.97 -0.25 -6.91
O3P FMN I . -28.36 -1.51 -5.47
PN DND J . -38.98 5.03 -39.24
O11 DND J . -39.16 5.38 -40.67
O12 DND J . -38.33 3.65 -39.09
O3P DND J . -40.40 5.01 -38.52
O5D DND J . -38.13 6.13 -38.40
C5D DND J . -38.72 7.43 -38.19
C4D DND J . -37.61 8.42 -37.99
O4D DND J . -36.86 8.06 -36.81
C3D DND J . -36.61 8.52 -39.14
O3D DND J . -36.19 9.87 -39.33
C2D DND J . -35.45 7.64 -38.65
O2D DND J . -34.18 8.03 -39.17
C1D DND J . -35.51 7.89 -37.14
N1N DND J . -34.96 6.76 -36.32
C6N DND J . -33.88 7.04 -35.56
C5N DND J . -33.33 6.07 -34.77
C4N DND J . -33.88 4.81 -34.76
C3N DND J . -35.00 4.53 -35.54
C2N DND J . -35.52 5.54 -36.33
C7N DND J . -35.64 3.19 -35.50
O7N DND J . -36.61 2.91 -36.19
O8N DND J . -35.07 2.36 -34.69
PA DND J . -41.60 3.97 -38.52
O13 DND J . -41.10 2.64 -38.08
O14 DND J . -42.67 4.49 -37.57
O5B DND J . -42.22 3.96 -40.00
C5B DND J . -43.64 3.92 -40.31
C4B DND J . -43.82 3.68 -41.79
O4B DND J . -42.83 2.75 -42.25
C3B DND J . -45.17 3.09 -42.17
O3B DND J . -45.57 3.51 -43.47
C2B DND J . -44.88 1.58 -42.14
O2B DND J . -45.75 0.84 -42.99
C1B DND J . -43.45 1.54 -42.67
N9A DND J . -42.67 0.42 -42.17
C4A DND J . -42.84 -0.91 -42.48
N3A DND J . -43.75 -1.44 -43.31
C2A DND J . -43.63 -2.78 -43.36
N1A DND J . -42.76 -3.56 -42.72
C6A DND J . -41.85 -2.99 -41.89
C5A DND J . -41.87 -1.59 -41.75
N7A DND J . -41.11 -0.71 -41.01
C8A DND J . -41.61 0.46 -41.29
N6A DND J . -40.99 -3.80 -41.25
N1 FMN K . -38.48 3.27 -33.30
C2 FMN K . -39.13 4.34 -33.88
O2 FMN K . -40.27 4.16 -34.36
N3 FMN K . -38.63 5.64 -34.00
C4 FMN K . -37.41 5.84 -33.48
O4 FMN K . -36.93 6.97 -33.56
C4A FMN K . -36.70 4.77 -32.84
N5 FMN K . -35.55 5.06 -32.27
C5A FMN K . -35.00 4.14 -31.43
C6 FMN K . -33.98 4.52 -30.56
C7 FMN K . -33.51 3.66 -29.57
C7M FMN K . -32.43 4.10 -28.63
C8 FMN K . -34.06 2.37 -29.47
C8M FMN K . -33.61 1.41 -28.39
C9 FMN K . -35.05 1.98 -30.36
C9A FMN K . -35.54 2.84 -31.33
N10 FMN K . -36.62 2.52 -32.12
C10 FMN K . -37.29 3.51 -32.79
C1' FMN K . -37.19 1.16 -32.11
C2' FMN K . -36.27 0.09 -32.68
O2' FMN K . -36.38 0.05 -34.11
C3' FMN K . -36.64 -1.25 -32.06
O3' FMN K . -36.28 -1.24 -30.68
C4' FMN K . -35.92 -2.45 -32.70
O4' FMN K . -36.28 -2.53 -34.08
C5' FMN K . -36.26 -3.75 -31.99
O5' FMN K . -37.70 -3.88 -31.99
P FMN K . -38.61 -3.98 -30.67
O1P FMN K . -38.45 -2.71 -29.85
O2P FMN K . -38.16 -5.22 -29.93
O3P FMN K . -40.03 -4.23 -31.18
PN DND L . -16.17 0.05 -4.59
O11 DND L . -15.03 0.21 -3.64
O12 DND L . -17.22 1.13 -4.36
O3P DND L . -16.83 -1.38 -4.44
O5D DND L . -15.72 0.05 -6.14
C5D DND L . -14.86 -1.01 -6.60
C4D DND L . -14.08 -0.52 -7.79
O4D DND L . -14.99 -0.28 -8.89
C3D DND L . -13.33 0.79 -7.57
O3D DND L . -12.08 0.79 -8.26
C2D DND L . -14.29 1.85 -8.14
O2D DND L . -13.60 2.98 -8.65
C1D DND L . -14.94 1.06 -9.28
N1N DND L . -16.35 1.52 -9.61
C6N DND L . -16.55 1.96 -10.87
C5N DND L . -17.81 2.34 -11.27
C4N DND L . -18.86 2.27 -10.37
C3N DND L . -18.64 1.81 -9.07
C2N DND L . -17.35 1.44 -8.71
C7N DND L . -19.76 1.72 -8.10
O7N DND L . -19.59 1.35 -6.96
O8N DND L . -20.91 2.09 -8.58
PA DND L . -17.58 -2.09 -3.21
O13 DND L . -18.90 -1.47 -3.02
O14 DND L . -17.68 -3.58 -3.51
O5B DND L . -16.60 -1.91 -1.97
C5B DND L . -16.51 -2.79 -0.83
C4B DND L . -16.05 -2.01 0.38
O4B DND L . -16.75 -0.74 0.41
C3B DND L . -16.34 -2.70 1.72
O3B DND L . -15.22 -2.60 2.59
C2B DND L . -17.57 -1.96 2.24
O2B DND L . -17.59 -1.91 3.66
C1B DND L . -17.35 -0.56 1.69
N9A DND L . -18.57 0.22 1.52
C4A DND L . -19.61 0.37 2.42
N3A DND L . -19.70 -0.17 3.64
C2A DND L . -20.84 0.18 4.24
N1A DND L . -21.82 0.97 3.77
C6A DND L . -21.69 1.50 2.53
C5A DND L . -20.53 1.20 1.80
N7A DND L . -20.09 1.57 0.54
C8A DND L . -18.93 0.97 0.42
N6A DND L . -22.68 2.27 2.07
#